data_5W5I
#
_entry.id   5W5I
#
_cell.length_a   184.789
_cell.length_b   184.789
_cell.length_c   88.864
_cell.angle_alpha   90.00
_cell.angle_beta   90.00
_cell.angle_gamma   90.00
#
_symmetry.space_group_name_H-M   'I 4'
#
loop_
_entity.id
_entity.type
_entity.pdbx_description
1 polymer 'Interferon-induced protein with tetratricopeptide repeats 1'
2 polymer "RNA (5'-D(*(ATP))-R(P*AP*AP*A)-3')"
3 water water
#
loop_
_entity_poly.entity_id
_entity_poly.type
_entity_poly.pdbx_seq_one_letter_code
_entity_poly.pdbx_strand_id
1 'polypeptide(L)'
;SMSTNGDDHQVKDSLEQLRCHFTWELSIDDDEMPDLENRVLDQIEFLDTKYSVGIHNLLAYVKHLKGQNEEALKSLKEAE
NLMQEEHDNQANVRSLVTWGNFAWMYYHMGRLAEAQTYLDKVENICKKLSNPFRYRMECPEIDCEEGWALLKCGGKNYER
AKACFEKVLEVDPENPESSAGYAISAYRLDGFKLATKNHKPFSLLPLRQAVRLNPDNGYIKVLLALKLQDEGQEAEGEKY
IEEALANMSSQTYVFRYAAKFYRRKGSVDKALELLKKALQETPTSVLLHHQIGLCYKAQMIQIKEATKGQPRGQNREKLD
KMIRSAIFHFESAVEKKPTFEVAHLDLARMYIEAGNHRKAEENFQKLLCMKPVVEETMQDIHFHYGRFQEFQKKSDVNAI
IHYLKAIKIEQASLTRDKSINSLKKLVLRKLRRKALDLESLSLLGFVYKLEGNMNEALEYYERALRLAADFENSVRQGP
;
A,C
2 'polyribonucleotide' (ATP)AAA B,D
#
# COMPACT_ATOMS: atom_id res chain seq x y z
N GLN A 10 3.29 61.08 -14.71
CA GLN A 10 2.71 62.31 -14.17
C GLN A 10 1.24 62.08 -13.81
N VAL A 11 0.34 62.37 -14.75
CA VAL A 11 -1.07 62.05 -14.56
C VAL A 11 -1.31 60.55 -14.64
N LYS A 12 -0.36 59.80 -15.21
CA LYS A 12 -0.53 58.36 -15.32
C LYS A 12 -0.58 57.70 -13.95
N ASP A 13 0.42 57.97 -13.11
CA ASP A 13 0.44 57.39 -11.76
C ASP A 13 -0.84 57.74 -11.00
N SER A 14 -1.47 58.86 -11.33
CA SER A 14 -2.72 59.24 -10.70
C SER A 14 -3.91 58.48 -11.29
N LEU A 15 -3.86 58.17 -12.59
CA LEU A 15 -4.96 57.43 -13.21
C LEU A 15 -4.98 55.98 -12.73
N GLU A 16 -3.80 55.39 -12.51
CA GLU A 16 -3.72 54.00 -12.09
C GLU A 16 -4.27 53.77 -10.69
N GLN A 17 -4.59 54.83 -9.95
CA GLN A 17 -5.12 54.69 -8.61
C GLN A 17 -6.65 54.66 -8.57
N LEU A 18 -7.31 55.16 -9.62
CA LEU A 18 -8.76 55.10 -9.70
C LEU A 18 -9.23 53.65 -9.65
N ARG A 19 -10.49 53.47 -9.26
CA ARG A 19 -11.15 52.16 -9.26
C ARG A 19 -12.17 52.17 -10.40
N CYS A 20 -11.81 51.57 -11.53
CA CYS A 20 -12.70 51.49 -12.67
C CYS A 20 -12.23 50.34 -13.56
N HIS A 21 -12.91 50.17 -14.69
CA HIS A 21 -12.61 49.05 -15.58
C HIS A 21 -11.18 49.11 -16.08
N PHE A 22 -10.62 50.31 -16.26
CA PHE A 22 -9.26 50.44 -16.78
C PHE A 22 -8.22 49.90 -15.80
N THR A 23 -8.54 49.81 -14.51
CA THR A 23 -7.59 49.36 -13.51
C THR A 23 -8.03 48.08 -12.80
N TRP A 24 -9.04 47.39 -13.33
CA TRP A 24 -9.52 46.15 -12.73
C TRP A 24 -8.90 44.91 -13.36
N GLU A 25 -7.93 45.09 -14.25
CA GLU A 25 -7.22 43.97 -14.87
C GLU A 25 -8.18 42.89 -15.38
N LEU A 26 -9.25 43.34 -16.03
CA LEU A 26 -10.21 42.41 -16.62
C LEU A 26 -9.52 41.55 -17.67
N SER A 27 -9.61 40.23 -17.50
CA SER A 27 -8.99 39.29 -18.44
C SER A 27 -9.99 39.01 -19.55
N ILE A 28 -9.76 39.60 -20.72
CA ILE A 28 -10.66 39.46 -21.87
C ILE A 28 -9.78 39.04 -23.05
N ASP A 29 -9.83 37.74 -23.38
CA ASP A 29 -9.14 37.27 -24.58
C ASP A 29 -9.68 37.99 -25.81
N ASP A 30 -8.82 38.12 -26.82
CA ASP A 30 -9.22 38.81 -28.05
C ASP A 30 -10.39 38.10 -28.71
N ASP A 31 -10.30 36.79 -28.88
CA ASP A 31 -11.36 36.03 -29.55
C ASP A 31 -12.70 36.14 -28.84
N GLU A 32 -12.70 36.52 -27.56
CA GLU A 32 -13.94 36.62 -26.78
C GLU A 32 -14.59 37.99 -26.88
N MET A 33 -13.96 38.95 -27.54
CA MET A 33 -14.51 40.31 -27.58
C MET A 33 -15.85 40.37 -28.27
N PRO A 34 -16.03 39.79 -29.47
CA PRO A 34 -17.36 39.87 -30.11
C PRO A 34 -18.48 39.32 -29.26
N ASP A 35 -18.26 38.16 -28.61
CA ASP A 35 -19.30 37.57 -27.79
C ASP A 35 -19.59 38.43 -26.56
N LEU A 36 -18.55 39.02 -25.97
CA LEU A 36 -18.75 39.89 -24.82
C LEU A 36 -19.63 41.08 -25.18
N GLU A 37 -19.25 41.81 -26.23
CA GLU A 37 -20.05 42.94 -26.69
C GLU A 37 -21.51 42.52 -26.91
N ASN A 38 -21.72 41.33 -27.44
CA ASN A 38 -23.08 40.84 -27.66
C ASN A 38 -23.80 40.58 -26.34
N ARG A 39 -23.12 39.94 -25.39
CA ARG A 39 -23.76 39.65 -24.11
C ARG A 39 -23.99 40.91 -23.29
N VAL A 40 -23.16 41.94 -23.47
CA VAL A 40 -23.39 43.21 -22.81
C VAL A 40 -24.66 43.85 -23.34
N LEU A 41 -24.80 43.92 -24.67
CA LEU A 41 -26.00 44.49 -25.27
C LEU A 41 -27.24 43.70 -24.85
N ASP A 42 -27.16 42.37 -24.84
CA ASP A 42 -28.28 41.57 -24.38
C ASP A 42 -28.71 41.97 -22.97
N GLN A 43 -27.74 42.24 -22.09
CA GLN A 43 -28.06 42.62 -20.72
C GLN A 43 -28.68 44.01 -20.67
N ILE A 44 -28.18 44.94 -21.49
CA ILE A 44 -28.76 46.28 -21.55
C ILE A 44 -30.25 46.21 -21.80
N GLU A 45 -30.69 45.27 -22.64
CA GLU A 45 -32.04 45.26 -23.17
C GLU A 45 -33.01 44.39 -22.39
N PHE A 46 -32.55 43.29 -21.78
CA PHE A 46 -33.45 42.29 -21.22
C PHE A 46 -33.27 42.03 -19.73
N LEU A 47 -32.23 42.57 -19.09
CA LEU A 47 -32.08 42.39 -17.66
C LEU A 47 -32.66 43.59 -16.91
N SER A 52 -28.60 50.03 -13.55
CA SER A 52 -28.13 49.69 -14.89
C SER A 52 -27.00 50.61 -15.33
N VAL A 53 -26.30 51.21 -14.37
CA VAL A 53 -25.21 52.12 -14.69
C VAL A 53 -23.93 51.36 -14.99
N GLY A 54 -23.76 50.16 -14.43
CA GLY A 54 -22.52 49.43 -14.61
C GLY A 54 -22.36 48.87 -16.02
N ILE A 55 -23.44 48.35 -16.59
CA ILE A 55 -23.34 47.67 -17.89
C ILE A 55 -22.89 48.66 -18.96
N HIS A 56 -23.34 49.91 -18.86
CA HIS A 56 -22.92 50.92 -19.84
C HIS A 56 -21.44 51.26 -19.66
N ASN A 57 -20.96 51.30 -18.41
CA ASN A 57 -19.53 51.50 -18.18
C ASN A 57 -18.73 50.37 -18.78
N LEU A 58 -19.12 49.12 -18.51
CA LEU A 58 -18.47 47.98 -19.15
C LEU A 58 -18.59 48.07 -20.66
N LEU A 59 -19.77 48.44 -21.17
CA LEU A 59 -19.95 48.61 -22.60
C LEU A 59 -19.00 49.67 -23.14
N ALA A 60 -18.80 50.74 -22.38
CA ALA A 60 -17.88 51.79 -22.81
C ALA A 60 -16.45 51.27 -22.88
N TYR A 61 -16.06 50.44 -21.90
CA TYR A 61 -14.72 49.87 -21.90
C TYR A 61 -14.51 48.98 -23.12
N VAL A 62 -15.52 48.20 -23.49
CA VAL A 62 -15.41 47.33 -24.66
C VAL A 62 -15.15 48.16 -25.92
N LYS A 63 -15.89 49.25 -26.07
CA LYS A 63 -15.70 50.11 -27.24
C LYS A 63 -14.27 50.63 -27.31
N HIS A 64 -13.72 51.08 -26.17
CA HIS A 64 -12.34 51.54 -26.15
C HIS A 64 -11.39 50.46 -26.62
N LEU A 65 -11.63 49.21 -26.23
CA LEU A 65 -10.77 48.12 -26.66
C LEU A 65 -10.90 47.82 -28.15
N LYS A 66 -12.03 48.19 -28.76
CA LYS A 66 -12.22 48.00 -30.19
C LYS A 66 -11.55 49.09 -31.02
N GLY A 67 -10.91 50.07 -30.38
CA GLY A 67 -10.39 51.22 -31.09
C GLY A 67 -11.40 52.31 -31.35
N GLN A 68 -12.56 52.24 -30.70
CA GLN A 68 -13.61 53.24 -30.90
C GLN A 68 -13.76 54.11 -29.66
N ASN A 69 -12.72 54.88 -29.33
CA ASN A 69 -12.75 55.69 -28.11
C ASN A 69 -13.91 56.67 -28.14
N GLU A 70 -14.22 57.24 -29.31
CA GLU A 70 -15.29 58.22 -29.40
C GLU A 70 -16.65 57.57 -29.14
N GLU A 71 -16.84 56.34 -29.62
CA GLU A 71 -18.08 55.63 -29.33
C GLU A 71 -18.23 55.35 -27.85
N ALA A 72 -17.11 55.18 -27.14
CA ALA A 72 -17.16 54.87 -25.72
C ALA A 72 -17.68 56.06 -24.90
N LEU A 73 -17.25 57.27 -25.25
CA LEU A 73 -17.70 58.45 -24.52
C LEU A 73 -19.21 58.55 -24.48
N LYS A 74 -19.89 58.05 -25.52
CA LYS A 74 -21.35 58.11 -25.54
C LYS A 74 -21.94 57.21 -24.45
N SER A 75 -21.44 55.98 -24.33
CA SER A 75 -21.97 55.05 -23.33
C SER A 75 -21.68 55.53 -21.91
N LEU A 76 -20.54 56.19 -21.70
CA LEU A 76 -20.28 56.79 -20.39
C LEU A 76 -21.26 57.93 -20.10
N LYS A 77 -21.57 58.74 -21.12
CA LYS A 77 -22.51 59.83 -20.94
C LYS A 77 -23.93 59.32 -20.73
N GLU A 78 -24.29 58.21 -21.38
CA GLU A 78 -25.58 57.59 -21.09
C GLU A 78 -25.62 57.02 -19.68
N ALA A 79 -24.47 56.60 -19.15
CA ALA A 79 -24.45 55.98 -17.83
C ALA A 79 -24.82 56.98 -16.74
N GLU A 80 -24.19 58.15 -16.75
CA GLU A 80 -24.45 59.14 -15.71
C GLU A 80 -25.88 59.68 -15.78
N ASN A 81 -26.55 59.56 -16.93
CA ASN A 81 -27.94 60.01 -17.02
C ASN A 81 -28.83 59.26 -16.05
N LEU A 82 -28.52 58.00 -15.77
CA LEU A 82 -29.32 57.22 -14.82
C LEU A 82 -28.76 57.37 -13.41
N VAL A 93 -22.62 57.02 -4.90
CA VAL A 93 -21.16 57.04 -4.93
C VAL A 93 -20.66 56.22 -6.12
N ARG A 94 -21.55 55.42 -6.71
CA ARG A 94 -21.18 54.65 -7.90
C ARG A 94 -20.87 55.53 -9.09
N SER A 95 -21.15 56.84 -9.01
CA SER A 95 -20.75 57.76 -10.07
C SER A 95 -19.24 57.78 -10.25
N LEU A 96 -18.48 57.39 -9.22
CA LEU A 96 -17.02 57.46 -9.30
C LEU A 96 -16.48 56.53 -10.38
N VAL A 97 -17.08 55.35 -10.52
CA VAL A 97 -16.64 54.42 -11.57
C VAL A 97 -16.77 55.10 -12.94
N THR A 98 -17.91 55.77 -13.19
CA THR A 98 -18.10 56.46 -14.45
C THR A 98 -17.12 57.61 -14.60
N TRP A 99 -16.98 58.43 -13.56
CA TRP A 99 -16.02 59.53 -13.61
C TRP A 99 -14.60 59.02 -13.83
N GLY A 100 -14.27 57.88 -13.22
CA GLY A 100 -12.95 57.31 -13.44
C GLY A 100 -12.73 56.89 -14.88
N ASN A 101 -13.72 56.20 -15.46
CA ASN A 101 -13.62 55.82 -16.87
C ASN A 101 -13.50 57.05 -17.76
N PHE A 102 -14.21 58.13 -17.42
CA PHE A 102 -14.03 59.38 -18.14
C PHE A 102 -12.59 59.86 -18.08
N ALA A 103 -12.01 59.86 -16.88
CA ALA A 103 -10.61 60.27 -16.73
C ALA A 103 -9.70 59.43 -17.60
N TRP A 104 -9.90 58.11 -17.60
CA TRP A 104 -9.07 57.23 -18.41
C TRP A 104 -9.33 57.43 -19.90
N MET A 105 -10.58 57.65 -20.28
CA MET A 105 -10.92 57.77 -21.70
C MET A 105 -10.29 59.02 -22.30
N TYR A 106 -10.33 60.15 -21.58
CA TYR A 106 -9.77 61.39 -22.11
C TYR A 106 -8.25 61.35 -22.14
N TYR A 107 -7.62 60.56 -21.26
CA TYR A 107 -6.17 60.44 -21.29
C TYR A 107 -5.70 59.79 -22.59
N HIS A 108 -6.34 58.69 -22.98
CA HIS A 108 -5.98 58.01 -24.21
C HIS A 108 -6.25 58.89 -25.42
N MET A 109 -7.25 59.76 -25.35
CA MET A 109 -7.59 60.65 -26.46
C MET A 109 -6.75 61.92 -26.48
N GLY A 110 -5.87 62.13 -25.50
CA GLY A 110 -5.03 63.30 -25.45
C GLY A 110 -5.64 64.51 -24.78
N ARG A 111 -6.84 64.38 -24.21
CA ARG A 111 -7.50 65.51 -23.53
C ARG A 111 -7.15 65.47 -22.04
N LEU A 112 -5.89 65.78 -21.75
CA LEU A 112 -5.40 65.75 -20.37
C LEU A 112 -6.22 66.67 -19.48
N ALA A 113 -6.55 67.87 -19.98
CA ALA A 113 -7.29 68.84 -19.17
C ALA A 113 -8.66 68.29 -18.78
N GLU A 114 -9.31 67.55 -19.69
CA GLU A 114 -10.62 66.99 -19.38
C GLU A 114 -10.52 65.81 -18.43
N ALA A 115 -9.44 65.02 -18.53
CA ALA A 115 -9.23 63.94 -17.58
C ALA A 115 -9.02 64.48 -16.18
N GLN A 116 -8.20 65.52 -16.04
CA GLN A 116 -7.97 66.12 -14.74
C GLN A 116 -9.25 66.63 -14.12
N THR A 117 -10.19 67.10 -14.94
CA THR A 117 -11.47 67.58 -14.43
C THR A 117 -12.21 66.47 -13.69
N TYR A 118 -12.18 65.25 -14.25
CA TYR A 118 -12.85 64.13 -13.60
C TYR A 118 -12.00 63.53 -12.47
N LEU A 119 -10.67 63.62 -12.58
CA LEU A 119 -9.82 63.23 -11.45
C LEU A 119 -10.15 64.06 -10.22
N ASP A 120 -10.35 65.37 -10.40
CA ASP A 120 -10.66 66.25 -9.28
C ASP A 120 -12.05 65.92 -8.72
N LYS A 121 -13.01 65.63 -9.59
CA LYS A 121 -14.33 65.25 -9.12
C LYS A 121 -14.27 64.01 -8.24
N VAL A 122 -13.36 63.08 -8.55
CA VAL A 122 -13.20 61.89 -7.72
C VAL A 122 -12.49 62.25 -6.41
N GLU A 123 -11.50 63.14 -6.49
CA GLU A 123 -10.71 63.48 -5.30
C GLU A 123 -11.58 64.13 -4.22
N ASN A 124 -12.53 64.98 -4.63
CA ASN A 124 -13.38 65.66 -3.64
C ASN A 124 -14.29 64.68 -2.93
N ILE A 125 -14.92 63.76 -3.68
CA ILE A 125 -15.78 62.77 -3.05
C ILE A 125 -14.99 61.94 -2.05
N CYS A 126 -13.78 61.51 -2.44
CA CYS A 126 -12.90 60.82 -1.50
C CYS A 126 -12.56 61.73 -0.32
N LYS A 127 -12.22 62.98 -0.60
CA LYS A 127 -11.88 63.92 0.46
C LYS A 127 -13.07 64.14 1.39
N LYS A 128 -14.27 64.31 0.83
CA LYS A 128 -15.45 64.58 1.64
C LYS A 128 -15.74 63.42 2.59
N LEU A 129 -15.73 62.20 2.07
CA LEU A 129 -16.09 61.02 2.86
C LEU A 129 -14.95 60.52 3.74
N SER A 130 -13.93 61.34 3.99
CA SER A 130 -12.83 60.96 4.87
C SER A 130 -12.15 59.68 4.37
N ASN A 131 -12.03 59.56 3.05
CA ASN A 131 -11.42 58.37 2.47
C ASN A 131 -9.91 58.40 2.70
N PRO A 132 -9.30 57.26 3.04
CA PRO A 132 -7.85 57.27 3.32
C PRO A 132 -6.99 57.53 2.11
N PHE A 133 -7.43 57.17 0.92
CA PHE A 133 -6.66 57.34 -0.30
C PHE A 133 -7.16 58.55 -1.09
N ARG A 134 -6.29 59.06 -1.96
CA ARG A 134 -6.59 60.30 -2.68
C ARG A 134 -7.64 60.08 -3.75
N TYR A 135 -7.47 59.02 -4.55
CA TYR A 135 -8.38 58.73 -5.66
C TYR A 135 -9.07 57.37 -5.55
N ARG A 136 -8.52 56.44 -4.79
CA ARG A 136 -9.11 55.12 -4.64
C ARG A 136 -10.18 55.16 -3.55
N MET A 137 -11.45 55.12 -3.96
CA MET A 137 -12.56 55.17 -3.01
C MET A 137 -12.84 53.77 -2.48
N GLU A 138 -12.75 53.61 -1.17
CA GLU A 138 -13.06 52.35 -0.50
C GLU A 138 -14.52 52.39 -0.05
N CYS A 139 -15.31 51.44 -0.56
CA CYS A 139 -16.73 51.36 -0.21
C CYS A 139 -17.32 50.08 -0.80
N PRO A 140 -18.39 49.54 -0.21
CA PRO A 140 -18.95 48.30 -0.75
C PRO A 140 -19.61 48.48 -2.11
N GLU A 141 -20.11 49.68 -2.42
CA GLU A 141 -20.75 49.90 -3.71
C GLU A 141 -19.78 49.64 -4.86
N ILE A 142 -18.57 50.19 -4.77
CA ILE A 142 -17.59 49.99 -5.82
C ILE A 142 -17.02 48.57 -5.77
N ASP A 143 -16.97 47.97 -4.58
CA ASP A 143 -16.59 46.57 -4.50
C ASP A 143 -17.58 45.70 -5.28
N CYS A 144 -18.86 46.04 -5.23
CA CYS A 144 -19.85 45.33 -6.03
C CYS A 144 -19.68 45.64 -7.51
N GLU A 145 -19.50 46.92 -7.85
CA GLU A 145 -19.27 47.29 -9.25
C GLU A 145 -18.12 46.49 -9.84
N GLU A 146 -17.03 46.32 -9.09
CA GLU A 146 -15.92 45.52 -9.57
C GLU A 146 -16.34 44.06 -9.77
N GLY A 147 -17.19 43.55 -8.89
CA GLY A 147 -17.61 42.17 -9.01
C GLY A 147 -18.44 41.91 -10.25
N TRP A 148 -19.41 42.79 -10.53
CA TRP A 148 -20.26 42.60 -11.70
C TRP A 148 -19.44 42.67 -12.98
N ALA A 149 -18.37 43.45 -13.00
CA ALA A 149 -17.52 43.53 -14.19
C ALA A 149 -16.72 42.25 -14.37
N LEU A 150 -16.05 41.80 -13.29
CA LEU A 150 -15.32 40.54 -13.36
C LEU A 150 -16.23 39.39 -13.74
N LEU A 151 -17.45 39.37 -13.21
CA LEU A 151 -18.36 38.26 -13.43
C LEU A 151 -18.89 38.19 -14.86
N LYS A 152 -18.66 39.23 -15.66
CA LYS A 152 -19.15 39.28 -17.04
C LYS A 152 -18.05 39.06 -18.07
N CYS A 153 -16.79 39.09 -17.67
CA CYS A 153 -15.66 39.04 -18.60
C CYS A 153 -14.95 37.68 -18.59
N GLY A 154 -15.68 36.62 -18.28
CA GLY A 154 -15.15 35.28 -18.42
C GLY A 154 -14.84 34.64 -17.06
N GLY A 155 -14.76 33.32 -17.07
CA GLY A 155 -14.51 32.54 -15.88
C GLY A 155 -13.11 32.71 -15.30
N LYS A 156 -12.17 33.27 -16.07
CA LYS A 156 -10.84 33.52 -15.55
C LYS A 156 -10.82 34.54 -14.43
N ASN A 157 -11.94 35.21 -14.17
CA ASN A 157 -12.01 36.26 -13.16
C ASN A 157 -12.97 35.95 -12.01
N TYR A 158 -13.63 34.79 -12.02
CA TYR A 158 -14.67 34.53 -11.03
C TYR A 158 -14.13 34.41 -9.62
N GLU A 159 -12.92 33.87 -9.44
CA GLU A 159 -12.33 33.82 -8.12
C GLU A 159 -12.19 35.22 -7.54
N ARG A 160 -11.80 36.20 -8.36
CA ARG A 160 -11.77 37.58 -7.91
C ARG A 160 -13.17 38.12 -7.66
N ALA A 161 -14.12 37.75 -8.52
CA ALA A 161 -15.50 38.22 -8.34
C ALA A 161 -16.06 37.78 -6.99
N LYS A 162 -15.90 36.54 -6.68
CA LYS A 162 -16.38 36.00 -5.44
C LYS A 162 -15.76 36.73 -4.27
N ALA A 163 -14.50 37.12 -4.41
CA ALA A 163 -13.80 37.84 -3.36
C ALA A 163 -14.37 39.24 -3.18
N CYS A 164 -14.68 39.93 -4.28
CA CYS A 164 -15.27 41.26 -4.18
C CYS A 164 -16.57 41.23 -3.39
N PHE A 165 -17.42 40.24 -3.66
CA PHE A 165 -18.70 40.15 -2.95
C PHE A 165 -18.53 39.62 -1.54
N GLU A 166 -17.61 38.67 -1.35
CA GLU A 166 -17.33 38.19 0.00
C GLU A 166 -16.74 39.28 0.88
N LYS A 167 -16.18 40.33 0.28
CA LYS A 167 -15.64 41.44 1.05
C LYS A 167 -16.76 42.30 1.62
N VAL A 168 -17.88 42.43 0.90
CA VAL A 168 -18.99 43.24 1.38
C VAL A 168 -19.76 42.50 2.46
N LEU A 169 -20.04 41.22 2.23
CA LEU A 169 -20.71 40.40 3.24
C LEU A 169 -19.87 40.27 4.52
N GLU A 170 -18.56 40.50 4.42
CA GLU A 170 -17.71 40.43 5.60
C GLU A 170 -18.19 41.39 6.69
N VAL A 171 -18.74 42.53 6.31
CA VAL A 171 -19.21 43.53 7.26
C VAL A 171 -20.69 43.83 7.11
N ASP A 172 -21.34 43.40 6.03
CA ASP A 172 -22.77 43.59 5.81
C ASP A 172 -23.37 42.28 5.34
N PRO A 173 -23.44 41.28 6.23
CA PRO A 173 -23.85 39.92 5.79
C PRO A 173 -25.24 39.85 5.19
N GLU A 174 -26.03 40.92 5.26
CA GLU A 174 -27.38 40.92 4.73
C GLU A 174 -27.54 41.77 3.48
N ASN A 175 -26.45 42.34 2.97
CA ASN A 175 -26.51 43.13 1.75
C ASN A 175 -27.11 42.28 0.63
N PRO A 176 -28.27 42.64 0.08
CA PRO A 176 -28.87 41.79 -0.96
C PRO A 176 -28.05 41.76 -2.24
N GLU A 177 -27.55 42.90 -2.70
CA GLU A 177 -26.75 42.94 -3.93
C GLU A 177 -25.57 41.98 -3.84
N SER A 178 -24.68 42.20 -2.86
CA SER A 178 -23.52 41.33 -2.73
C SER A 178 -23.91 39.89 -2.41
N SER A 179 -25.07 39.70 -1.77
CA SER A 179 -25.55 38.35 -1.51
C SER A 179 -25.81 37.59 -2.82
N ALA A 180 -26.29 38.30 -3.84
CA ALA A 180 -26.55 37.66 -5.13
C ALA A 180 -25.26 37.51 -5.94
N GLY A 181 -24.42 38.55 -5.95
CA GLY A 181 -23.15 38.45 -6.67
C GLY A 181 -22.26 37.35 -6.12
N TYR A 182 -22.28 37.16 -4.81
CA TYR A 182 -21.50 36.08 -4.20
C TYR A 182 -22.11 34.72 -4.52
N ALA A 183 -23.44 34.63 -4.52
CA ALA A 183 -24.09 33.35 -4.82
C ALA A 183 -23.88 32.94 -6.27
N ILE A 184 -23.93 33.90 -7.19
CA ILE A 184 -23.72 33.58 -8.60
C ILE A 184 -22.28 33.13 -8.82
N SER A 185 -21.31 33.92 -8.33
CA SER A 185 -19.92 33.55 -8.46
C SER A 185 -19.66 32.17 -7.86
N ALA A 186 -20.20 31.93 -6.66
CA ALA A 186 -20.02 30.63 -6.01
C ALA A 186 -20.67 29.52 -6.83
N TYR A 187 -21.83 29.79 -7.43
CA TYR A 187 -22.50 28.79 -8.25
C TYR A 187 -21.68 28.46 -9.49
N ARG A 188 -21.16 29.49 -10.17
CA ARG A 188 -20.38 29.26 -11.38
C ARG A 188 -19.08 28.53 -11.08
N LEU A 189 -18.44 28.86 -9.96
CA LEU A 189 -17.23 28.15 -9.57
C LEU A 189 -17.52 26.68 -9.25
N ASP A 190 -18.66 26.42 -8.58
CA ASP A 190 -19.06 25.03 -8.36
C ASP A 190 -19.28 24.31 -9.68
N GLY A 191 -19.62 25.04 -10.74
CA GLY A 191 -19.76 24.42 -12.03
C GLY A 191 -18.44 23.94 -12.61
N PHE A 192 -17.37 24.70 -12.40
CA PHE A 192 -16.06 24.29 -12.89
C PHE A 192 -15.65 22.95 -12.28
N LYS A 193 -15.86 22.79 -10.98
CA LYS A 193 -15.44 21.59 -10.25
C LYS A 193 -16.56 20.56 -10.15
N LEU A 194 -17.56 20.63 -11.03
CA LEU A 194 -18.74 19.79 -10.89
C LEU A 194 -18.43 18.31 -11.05
N ALA A 195 -17.41 17.97 -11.85
CA ALA A 195 -17.09 16.58 -12.12
C ALA A 195 -15.96 16.04 -11.25
N THR A 196 -15.33 16.88 -10.44
CA THR A 196 -14.26 16.42 -9.57
C THR A 196 -14.81 15.54 -8.46
N LYS A 197 -14.04 14.52 -8.09
CA LYS A 197 -14.50 13.59 -7.05
C LYS A 197 -14.66 14.30 -5.72
N ASN A 198 -15.65 13.85 -4.95
CA ASN A 198 -15.93 14.39 -3.61
C ASN A 198 -16.08 15.90 -3.63
N HIS A 199 -16.43 16.48 -4.76
CA HIS A 199 -16.67 17.91 -4.82
C HIS A 199 -17.79 18.29 -3.86
N LYS A 200 -17.51 19.22 -2.96
CA LYS A 200 -18.48 19.66 -1.96
C LYS A 200 -18.98 21.05 -2.33
N PRO A 201 -20.12 21.18 -3.00
CA PRO A 201 -20.57 22.49 -3.44
C PRO A 201 -20.84 23.42 -2.26
N PHE A 202 -20.24 24.61 -2.32
CA PHE A 202 -20.47 25.67 -1.34
C PHE A 202 -21.40 26.74 -1.88
N SER A 203 -22.27 26.38 -2.83
CA SER A 203 -23.12 27.34 -3.51
C SER A 203 -24.61 27.19 -3.17
N LEU A 204 -24.98 26.18 -2.37
CA LEU A 204 -26.40 25.95 -2.11
C LEU A 204 -26.96 26.97 -1.13
N LEU A 205 -26.35 27.11 0.04
CA LEU A 205 -26.85 28.03 1.04
C LEU A 205 -26.65 29.49 0.60
N PRO A 206 -25.51 29.84 0.00
CA PRO A 206 -25.40 31.19 -0.56
C PRO A 206 -26.48 31.52 -1.56
N LEU A 207 -26.93 30.53 -2.34
CA LEU A 207 -28.04 30.77 -3.25
C LEU A 207 -29.36 30.91 -2.49
N ARG A 208 -29.60 30.06 -1.49
CA ARG A 208 -30.80 30.17 -0.69
C ARG A 208 -30.92 31.57 -0.09
N GLN A 209 -29.84 32.06 0.51
CA GLN A 209 -29.86 33.41 1.09
C GLN A 209 -30.10 34.46 0.02
N ALA A 210 -29.46 34.30 -1.15
CA ALA A 210 -29.67 35.25 -2.23
C ALA A 210 -31.13 35.28 -2.67
N VAL A 211 -31.78 34.11 -2.72
CA VAL A 211 -33.19 34.05 -3.10
C VAL A 211 -34.04 34.81 -2.09
N ARG A 212 -33.76 34.63 -0.80
CA ARG A 212 -34.56 35.27 0.24
C ARG A 212 -34.44 36.79 0.16
N LEU A 213 -33.22 37.29 0.01
CA LEU A 213 -32.97 38.73 0.01
C LEU A 213 -33.32 39.39 -1.33
N ASN A 214 -33.70 38.61 -2.34
CA ASN A 214 -34.11 39.14 -3.64
C ASN A 214 -35.30 38.34 -4.13
N PRO A 215 -36.46 38.51 -3.47
CA PRO A 215 -37.60 37.61 -3.75
C PRO A 215 -38.17 37.75 -5.15
N ASP A 216 -38.01 38.89 -5.82
CA ASP A 216 -38.59 39.11 -7.13
C ASP A 216 -37.59 38.91 -8.26
N ASN A 217 -36.42 38.34 -7.97
CA ASN A 217 -35.40 38.09 -8.98
C ASN A 217 -35.44 36.60 -9.35
N GLY A 218 -35.98 36.30 -10.54
CA GLY A 218 -36.07 34.92 -10.96
C GLY A 218 -34.74 34.32 -11.36
N TYR A 219 -33.80 35.18 -11.80
CA TYR A 219 -32.46 34.71 -12.14
C TYR A 219 -31.87 33.87 -11.02
N ILE A 220 -31.92 34.39 -9.80
CA ILE A 220 -31.33 33.68 -8.65
C ILE A 220 -32.15 32.43 -8.33
N LYS A 221 -33.46 32.50 -8.52
CA LYS A 221 -34.33 31.37 -8.19
C LYS A 221 -34.00 30.16 -9.05
N VAL A 222 -33.81 30.37 -10.36
CA VAL A 222 -33.53 29.24 -11.25
C VAL A 222 -32.19 28.62 -10.91
N LEU A 223 -31.19 29.44 -10.60
CA LEU A 223 -29.88 28.92 -10.22
C LEU A 223 -29.98 28.01 -9.01
N LEU A 224 -30.75 28.42 -7.99
CA LEU A 224 -30.97 27.55 -6.85
C LEU A 224 -31.62 26.24 -7.28
N ALA A 225 -32.60 26.32 -8.18
CA ALA A 225 -33.25 25.10 -8.68
C ALA A 225 -32.24 24.19 -9.36
N LEU A 226 -31.39 24.75 -10.23
CA LEU A 226 -30.39 23.93 -10.91
C LEU A 226 -29.42 23.31 -9.91
N LYS A 227 -29.00 24.08 -8.91
CA LYS A 227 -28.10 23.52 -7.90
C LYS A 227 -28.80 22.47 -7.05
N LEU A 228 -30.09 22.65 -6.78
CA LEU A 228 -30.87 21.61 -6.12
C LEU A 228 -31.01 20.39 -7.04
N GLN A 229 -31.17 20.63 -8.35
CA GLN A 229 -31.20 19.52 -9.30
C GLN A 229 -29.86 18.79 -9.31
N ASP A 230 -28.76 19.53 -9.16
CA ASP A 230 -27.44 18.89 -9.11
C ASP A 230 -27.27 18.07 -7.83
N GLU A 231 -27.97 18.43 -6.75
CA GLU A 231 -27.84 17.77 -5.47
C GLU A 231 -29.00 16.80 -5.20
N GLY A 232 -29.59 16.25 -6.25
CA GLY A 232 -30.65 15.27 -6.10
C GLY A 232 -31.98 15.80 -5.63
N GLN A 233 -32.06 17.07 -5.25
CA GLN A 233 -33.32 17.67 -4.77
C GLN A 233 -34.03 18.39 -5.91
N GLU A 234 -34.34 17.62 -6.96
CA GLU A 234 -34.95 18.19 -8.15
C GLU A 234 -36.37 18.67 -7.89
N ALA A 235 -37.12 17.98 -7.02
CA ALA A 235 -38.49 18.38 -6.74
C ALA A 235 -38.56 19.78 -6.16
N GLU A 236 -37.82 20.03 -5.08
CA GLU A 236 -37.80 21.37 -4.49
C GLU A 236 -37.29 22.40 -5.48
N GLY A 237 -36.40 22.00 -6.39
CA GLY A 237 -35.89 22.94 -7.37
C GLY A 237 -36.94 23.35 -8.39
N GLU A 238 -37.77 22.40 -8.84
CA GLU A 238 -38.78 22.73 -9.83
C GLU A 238 -39.77 23.74 -9.30
N LYS A 239 -40.00 23.78 -7.99
CA LYS A 239 -40.86 24.80 -7.40
C LYS A 239 -40.36 26.19 -7.78
N TYR A 240 -39.05 26.42 -7.64
CA TYR A 240 -38.49 27.72 -7.97
C TYR A 240 -38.52 27.97 -9.47
N ILE A 241 -38.48 26.91 -10.28
CA ILE A 241 -38.56 27.07 -11.73
C ILE A 241 -39.90 27.71 -12.10
N GLU A 242 -40.99 27.10 -11.65
CA GLU A 242 -42.32 27.64 -11.97
C GLU A 242 -42.54 29.00 -11.30
N GLU A 243 -41.99 29.21 -10.11
CA GLU A 243 -42.12 30.50 -9.43
C GLU A 243 -41.37 31.58 -10.20
N ALA A 244 -40.16 31.27 -10.69
CA ALA A 244 -39.42 32.24 -11.48
C ALA A 244 -40.09 32.51 -12.82
N LEU A 245 -40.84 31.55 -13.35
CA LEU A 245 -41.53 31.73 -14.61
C LEU A 245 -42.81 32.54 -14.43
N ALA A 246 -43.45 32.45 -13.26
CA ALA A 246 -44.65 33.22 -12.99
C ALA A 246 -44.39 34.71 -13.19
N ASN A 247 -43.56 35.30 -12.33
CA ASN A 247 -43.16 36.69 -12.54
C ASN A 247 -42.30 36.79 -13.80
N MET A 248 -42.39 37.93 -14.46
CA MET A 248 -41.71 38.12 -15.74
C MET A 248 -41.28 39.58 -15.92
N THR A 252 -35.46 36.28 -20.99
CA THR A 252 -34.66 35.30 -21.72
C THR A 252 -33.72 34.54 -20.79
N TYR A 253 -33.12 35.27 -19.84
CA TYR A 253 -32.19 34.64 -18.90
C TYR A 253 -32.89 33.58 -18.06
N VAL A 254 -34.13 33.83 -17.67
CA VAL A 254 -34.90 32.84 -16.92
C VAL A 254 -35.20 31.63 -17.79
N PHE A 255 -35.28 31.82 -19.11
CA PHE A 255 -35.55 30.70 -20.01
C PHE A 255 -34.32 29.84 -20.24
N ARG A 256 -33.13 30.47 -20.31
CA ARG A 256 -31.90 29.70 -20.48
C ARG A 256 -31.79 28.61 -19.44
N TYR A 257 -31.76 29.01 -18.17
CA TYR A 257 -31.48 28.07 -17.08
C TYR A 257 -32.68 27.21 -16.73
N ALA A 258 -33.90 27.67 -17.02
CA ALA A 258 -35.07 26.81 -16.89
C ALA A 258 -35.06 25.72 -17.94
N ALA A 259 -34.67 26.06 -19.17
CA ALA A 259 -34.53 25.05 -20.23
C ALA A 259 -33.53 23.98 -19.82
N LYS A 260 -32.45 24.36 -19.17
CA LYS A 260 -31.49 23.38 -18.67
C LYS A 260 -32.14 22.46 -17.64
N PHE A 261 -32.90 23.05 -16.71
CA PHE A 261 -33.55 22.24 -15.68
C PHE A 261 -34.45 21.18 -16.29
N TYR A 262 -35.31 21.59 -17.24
CA TYR A 262 -36.21 20.63 -17.87
C TYR A 262 -35.46 19.68 -18.79
N ARG A 263 -34.37 20.14 -19.41
CA ARG A 263 -33.56 19.25 -20.24
C ARG A 263 -32.97 18.13 -19.41
N ARG A 264 -32.26 18.48 -18.33
CA ARG A 264 -31.62 17.49 -17.49
C ARG A 264 -32.63 16.60 -16.75
N LYS A 265 -33.86 17.09 -16.57
CA LYS A 265 -34.89 16.28 -15.93
C LYS A 265 -35.52 15.28 -16.88
N GLY A 266 -35.43 15.50 -18.19
CA GLY A 266 -36.03 14.64 -19.18
C GLY A 266 -37.12 15.29 -20.01
N SER A 267 -37.62 16.47 -19.60
CA SER A 267 -38.65 17.17 -20.35
C SER A 267 -37.97 17.98 -21.46
N VAL A 268 -37.59 17.27 -22.53
CA VAL A 268 -36.83 17.90 -23.60
C VAL A 268 -37.72 18.79 -24.46
N ASP A 269 -38.97 18.37 -24.70
CA ASP A 269 -39.88 19.19 -25.49
C ASP A 269 -40.03 20.57 -24.89
N LYS A 270 -40.38 20.65 -23.61
CA LYS A 270 -40.56 21.94 -22.95
C LYS A 270 -39.28 22.76 -22.99
N ALA A 271 -38.12 22.10 -22.80
CA ALA A 271 -36.85 22.82 -22.84
C ALA A 271 -36.60 23.41 -24.22
N LEU A 272 -36.92 22.66 -25.27
CA LEU A 272 -36.75 23.19 -26.63
C LEU A 272 -37.63 24.42 -26.86
N GLU A 273 -38.86 24.39 -26.34
CA GLU A 273 -39.74 25.55 -26.46
C GLU A 273 -39.09 26.79 -25.86
N LEU A 274 -38.68 26.71 -24.59
CA LEU A 274 -38.09 27.87 -23.92
C LEU A 274 -36.89 28.41 -24.68
N LEU A 275 -36.02 27.53 -25.17
CA LEU A 275 -34.84 27.98 -25.89
C LEU A 275 -35.21 28.70 -27.17
N LYS A 276 -36.16 28.16 -27.93
CA LYS A 276 -36.60 28.81 -29.16
C LYS A 276 -37.15 30.20 -28.88
N LYS A 277 -37.95 30.34 -27.81
CA LYS A 277 -38.45 31.65 -27.41
C LYS A 277 -37.31 32.59 -27.05
N ALA A 278 -36.40 32.12 -26.19
CA ALA A 278 -35.30 32.96 -25.74
C ALA A 278 -34.37 33.31 -26.91
N LEU A 279 -34.26 32.42 -27.90
CA LEU A 279 -33.37 32.69 -29.03
C LEU A 279 -33.88 33.86 -29.87
N GLN A 280 -35.19 34.09 -29.89
CA GLN A 280 -35.73 35.22 -30.62
C GLN A 280 -35.32 36.55 -29.99
N GLU A 281 -35.11 36.57 -28.67
CA GLU A 281 -34.69 37.80 -28.00
C GLU A 281 -33.19 38.03 -28.16
N THR A 282 -32.37 37.01 -27.88
CA THR A 282 -30.91 37.09 -27.92
C THR A 282 -30.40 36.05 -28.90
N PRO A 283 -30.46 36.31 -30.21
CA PRO A 283 -30.08 35.28 -31.18
C PRO A 283 -28.59 34.96 -31.20
N THR A 284 -27.73 35.86 -30.70
CA THR A 284 -26.29 35.65 -30.75
C THR A 284 -25.75 34.95 -29.51
N SER A 285 -26.61 34.57 -28.58
CA SER A 285 -26.16 33.94 -27.34
C SER A 285 -25.57 32.56 -27.65
N VAL A 286 -24.30 32.38 -27.29
CA VAL A 286 -23.66 31.07 -27.47
C VAL A 286 -24.22 30.06 -26.49
N LEU A 287 -24.62 30.51 -25.30
CA LEU A 287 -25.21 29.61 -24.33
C LEU A 287 -26.49 28.97 -24.87
N LEU A 288 -27.29 29.74 -25.61
CA LEU A 288 -28.54 29.22 -26.16
C LEU A 288 -28.26 28.21 -27.26
N HIS A 289 -27.38 28.55 -28.20
CA HIS A 289 -27.03 27.62 -29.27
C HIS A 289 -26.52 26.30 -28.70
N HIS A 290 -25.72 26.36 -27.64
CA HIS A 290 -25.18 25.14 -27.05
C HIS A 290 -26.28 24.29 -26.43
N GLN A 291 -27.18 24.93 -25.68
CA GLN A 291 -28.26 24.18 -25.04
C GLN A 291 -29.21 23.59 -26.07
N ILE A 292 -29.46 24.32 -27.16
CA ILE A 292 -30.28 23.78 -28.25
C ILE A 292 -29.64 22.50 -28.80
N GLY A 293 -28.37 22.58 -29.19
CA GLY A 293 -27.70 21.41 -29.72
C GLY A 293 -27.77 20.22 -28.78
N LEU A 294 -27.70 20.47 -27.47
CA LEU A 294 -27.82 19.38 -26.51
C LEU A 294 -29.21 18.77 -26.53
N CYS A 295 -30.25 19.60 -26.70
CA CYS A 295 -31.61 19.06 -26.80
C CYS A 295 -31.74 18.15 -28.02
N TYR A 296 -31.31 18.62 -29.19
CA TYR A 296 -31.31 17.76 -30.36
C TYR A 296 -30.53 16.48 -30.12
N LYS A 297 -29.40 16.58 -29.41
CA LYS A 297 -28.63 15.39 -29.07
C LYS A 297 -29.41 14.47 -28.15
N ALA A 298 -30.17 15.04 -27.21
CA ALA A 298 -30.91 14.22 -26.25
C ALA A 298 -31.97 13.38 -26.95
N GLN A 299 -32.77 14.02 -27.81
CA GLN A 299 -33.81 13.28 -28.53
C GLN A 299 -33.19 12.29 -29.51
N MET A 300 -31.97 12.54 -29.97
CA MET A 300 -31.30 11.59 -30.86
C MET A 300 -31.14 10.23 -30.19
N ILE A 301 -30.74 10.20 -28.93
CA ILE A 301 -30.52 8.94 -28.23
C ILE A 301 -31.77 8.07 -28.30
N GLN A 302 -32.94 8.68 -28.08
CA GLN A 302 -34.19 7.94 -28.10
C GLN A 302 -34.47 7.37 -29.49
N GLU A 317 -32.69 6.92 -39.94
CA GLU A 317 -32.65 7.69 -41.18
C GLU A 317 -33.08 9.13 -40.93
N LYS A 318 -33.87 9.34 -39.87
CA LYS A 318 -34.27 10.68 -39.46
C LYS A 318 -33.23 11.34 -38.57
N LEU A 319 -32.36 10.56 -37.92
CA LEU A 319 -31.33 11.13 -37.07
C LEU A 319 -30.44 12.09 -37.85
N ASP A 320 -30.24 11.84 -39.14
CA ASP A 320 -29.43 12.75 -39.95
C ASP A 320 -29.97 14.17 -39.89
N LYS A 321 -31.29 14.33 -39.95
CA LYS A 321 -31.89 15.64 -39.78
C LYS A 321 -31.56 16.21 -38.40
N MET A 322 -31.53 15.35 -37.38
CA MET A 322 -31.27 15.80 -36.02
C MET A 322 -29.79 16.06 -35.80
N ILE A 323 -28.94 15.14 -36.25
CA ILE A 323 -27.49 15.31 -36.12
C ILE A 323 -27.06 16.58 -36.87
N ARG A 324 -27.67 16.83 -38.02
CA ARG A 324 -27.32 18.03 -38.79
C ARG A 324 -27.74 19.31 -38.05
N SER A 325 -28.79 19.24 -37.24
CA SER A 325 -29.22 20.38 -36.45
C SER A 325 -28.30 20.61 -35.26
N ALA A 326 -27.98 19.55 -34.53
CA ALA A 326 -27.05 19.67 -33.41
C ALA A 326 -25.70 20.20 -33.86
N ILE A 327 -25.23 19.76 -35.03
CA ILE A 327 -23.96 20.26 -35.55
C ILE A 327 -24.08 21.73 -35.92
N PHE A 328 -25.24 22.16 -36.43
CA PHE A 328 -25.39 23.54 -36.82
C PHE A 328 -25.31 24.48 -35.63
N HIS A 329 -25.83 24.04 -34.48
CA HIS A 329 -25.86 24.91 -33.30
C HIS A 329 -24.53 24.89 -32.57
N PHE A 330 -23.90 23.72 -32.44
CA PHE A 330 -22.54 23.68 -31.91
C PHE A 330 -21.59 24.49 -32.79
N GLU A 331 -21.71 24.35 -34.11
CA GLU A 331 -20.88 25.12 -35.02
C GLU A 331 -21.13 26.62 -34.88
N SER A 332 -22.37 27.00 -34.55
CA SER A 332 -22.69 28.42 -34.40
C SER A 332 -22.09 28.98 -33.11
N ALA A 333 -22.27 28.27 -32.00
CA ALA A 333 -21.70 28.73 -30.72
C ALA A 333 -20.19 28.84 -30.80
N VAL A 334 -19.53 27.87 -31.45
CA VAL A 334 -18.07 27.92 -31.58
C VAL A 334 -17.66 29.09 -32.46
N GLU A 335 -18.45 29.38 -33.51
CA GLU A 335 -18.13 30.48 -34.41
C GLU A 335 -18.19 31.82 -33.68
N LYS A 336 -19.16 31.97 -32.78
CA LYS A 336 -19.35 33.23 -32.06
C LYS A 336 -18.40 33.38 -30.88
N LYS A 337 -17.87 32.28 -30.35
CA LYS A 337 -16.94 32.32 -29.21
C LYS A 337 -15.95 31.19 -29.37
N PRO A 338 -14.83 31.44 -30.06
CA PRO A 338 -13.86 30.35 -30.30
C PRO A 338 -13.33 29.70 -29.02
N THR A 339 -13.35 30.41 -27.89
CA THR A 339 -12.85 29.84 -26.64
C THR A 339 -13.89 28.96 -25.94
N PHE A 340 -15.05 28.75 -26.54
CA PHE A 340 -16.06 27.87 -25.97
C PHE A 340 -15.60 26.42 -26.09
N GLU A 341 -14.65 26.03 -25.25
CA GLU A 341 -14.03 24.71 -25.39
C GLU A 341 -15.07 23.59 -25.34
N VAL A 342 -15.95 23.63 -24.35
CA VAL A 342 -16.91 22.54 -24.14
C VAL A 342 -17.79 22.37 -25.37
N ALA A 343 -18.29 23.48 -25.93
CA ALA A 343 -19.10 23.40 -27.13
C ALA A 343 -18.29 22.83 -28.29
N HIS A 344 -17.03 23.25 -28.41
CA HIS A 344 -16.16 22.72 -29.45
C HIS A 344 -15.97 21.22 -29.30
N LEU A 345 -16.03 20.71 -28.07
CA LEU A 345 -15.90 19.27 -27.83
C LEU A 345 -17.20 18.54 -28.18
N ASP A 346 -18.35 19.10 -27.81
CA ASP A 346 -19.62 18.52 -28.25
C ASP A 346 -19.72 18.52 -29.77
N LEU A 347 -19.09 19.48 -30.43
CA LEU A 347 -19.09 19.51 -31.89
C LEU A 347 -18.33 18.32 -32.46
N ALA A 348 -17.08 18.11 -32.01
CA ALA A 348 -16.28 17.01 -32.53
C ALA A 348 -16.98 15.68 -32.31
N ARG A 349 -17.56 15.49 -31.11
CA ARG A 349 -18.24 14.23 -30.82
C ARG A 349 -19.46 14.02 -31.72
N MET A 350 -20.06 15.11 -32.20
CA MET A 350 -21.25 14.96 -33.05
C MET A 350 -20.87 14.60 -34.48
N TYR A 351 -19.71 15.06 -34.96
CA TYR A 351 -19.23 14.61 -36.27
C TYR A 351 -18.98 13.12 -36.28
N ILE A 352 -18.65 12.53 -35.12
CA ILE A 352 -18.53 11.09 -35.02
C ILE A 352 -19.88 10.43 -35.24
N GLU A 353 -20.91 10.94 -34.57
CA GLU A 353 -22.27 10.45 -34.82
C GLU A 353 -22.63 10.57 -36.30
N ALA A 354 -22.27 11.69 -36.92
CA ALA A 354 -22.51 11.90 -38.34
C ALA A 354 -21.61 11.06 -39.23
N GLY A 355 -20.66 10.32 -38.65
CA GLY A 355 -19.75 9.53 -39.45
C GLY A 355 -18.71 10.31 -40.22
N ASN A 356 -18.56 11.62 -39.94
CA ASN A 356 -17.56 12.44 -40.60
C ASN A 356 -16.31 12.44 -39.74
N HIS A 357 -15.51 11.39 -39.90
CA HIS A 357 -14.26 11.29 -39.16
C HIS A 357 -13.29 12.40 -39.54
N ARG A 358 -13.36 12.88 -40.77
CA ARG A 358 -12.48 13.96 -41.20
C ARG A 358 -12.67 15.20 -40.33
N LYS A 359 -13.92 15.62 -40.14
CA LYS A 359 -14.19 16.81 -39.34
C LYS A 359 -13.96 16.55 -37.86
N ALA A 360 -14.18 15.31 -37.40
CA ALA A 360 -13.87 14.98 -36.01
C ALA A 360 -12.38 15.12 -35.73
N GLU A 361 -11.55 14.52 -36.58
CA GLU A 361 -10.11 14.66 -36.42
C GLU A 361 -9.69 16.12 -36.46
N GLU A 362 -10.32 16.92 -37.32
CA GLU A 362 -9.97 18.33 -37.44
C GLU A 362 -10.33 19.09 -36.17
N ASN A 363 -11.54 18.87 -35.64
CA ASN A 363 -11.98 19.60 -34.47
C ASN A 363 -11.24 19.13 -33.22
N PHE A 364 -11.00 17.83 -33.09
CA PHE A 364 -10.23 17.32 -31.97
C PHE A 364 -8.83 17.91 -31.95
N GLN A 365 -8.24 18.12 -33.14
CA GLN A 365 -6.88 18.64 -33.20
C GLN A 365 -6.83 20.10 -32.76
N LYS A 366 -7.88 20.87 -33.06
CA LYS A 366 -7.97 22.22 -32.53
C LYS A 366 -8.12 22.19 -31.01
N LEU A 367 -8.94 21.27 -30.50
CA LEU A 367 -9.08 21.11 -29.06
C LEU A 367 -7.75 20.76 -28.41
N LEU A 368 -7.02 19.82 -29.01
CA LEU A 368 -5.74 19.39 -28.43
C LEU A 368 -4.73 20.52 -28.35
N CYS A 369 -4.87 21.55 -29.18
CA CYS A 369 -3.98 22.70 -29.13
C CYS A 369 -4.44 23.76 -28.13
N MET A 370 -5.56 23.54 -27.46
CA MET A 370 -6.09 24.52 -26.52
C MET A 370 -5.45 24.36 -25.14
N LYS A 371 -5.65 25.39 -24.32
CA LYS A 371 -5.27 25.37 -22.91
C LYS A 371 -6.45 25.97 -22.16
N PRO A 372 -7.49 25.18 -21.89
CA PRO A 372 -8.72 25.75 -21.32
C PRO A 372 -8.47 26.41 -19.96
N VAL A 373 -9.32 27.40 -19.66
CA VAL A 373 -9.31 28.01 -18.33
C VAL A 373 -9.61 26.96 -17.27
N VAL A 374 -10.63 26.14 -17.51
CA VAL A 374 -10.93 24.99 -16.66
C VAL A 374 -10.10 23.84 -17.21
N GLU A 375 -8.92 23.64 -16.62
CA GLU A 375 -7.97 22.67 -17.16
C GLU A 375 -8.51 21.25 -17.08
N GLU A 376 -9.41 20.97 -16.15
CA GLU A 376 -10.00 19.64 -16.06
C GLU A 376 -10.73 19.25 -17.35
N THR A 377 -11.16 20.23 -18.14
CA THR A 377 -11.81 19.92 -19.41
C THR A 377 -10.86 19.17 -20.34
N MET A 378 -9.55 19.39 -20.20
CA MET A 378 -8.58 18.70 -21.04
C MET A 378 -8.60 17.19 -20.80
N GLN A 379 -9.05 16.74 -19.63
CA GLN A 379 -9.24 15.32 -19.41
C GLN A 379 -10.27 14.74 -20.38
N ASP A 380 -11.39 15.44 -20.55
CA ASP A 380 -12.43 14.98 -21.47
C ASP A 380 -11.96 15.05 -22.91
N ILE A 381 -11.19 16.09 -23.26
CA ILE A 381 -10.68 16.21 -24.62
C ILE A 381 -9.83 14.99 -24.99
N HIS A 382 -8.87 14.66 -24.12
CA HIS A 382 -8.03 13.49 -24.39
C HIS A 382 -8.82 12.20 -24.33
N PHE A 383 -9.73 12.08 -23.35
CA PHE A 383 -10.49 10.85 -23.18
C PHE A 383 -11.35 10.57 -24.41
N HIS A 384 -12.11 11.55 -24.87
CA HIS A 384 -12.98 11.34 -26.02
C HIS A 384 -12.19 11.21 -27.31
N TYR A 385 -11.03 11.89 -27.41
CA TYR A 385 -10.15 11.63 -28.54
C TYR A 385 -9.52 10.25 -28.44
N GLY A 386 -9.27 9.77 -27.22
CA GLY A 386 -8.78 8.42 -27.05
C GLY A 386 -9.78 7.38 -27.50
N ARG A 387 -11.07 7.58 -27.20
CA ARG A 387 -12.09 6.65 -27.66
C ARG A 387 -12.24 6.72 -29.17
N PHE A 388 -12.14 7.93 -29.74
CA PHE A 388 -12.19 8.07 -31.19
C PHE A 388 -11.08 7.26 -31.86
N GLN A 389 -9.86 7.32 -31.31
CA GLN A 389 -8.76 6.56 -31.88
C GLN A 389 -8.94 5.07 -31.65
N GLU A 390 -9.50 4.69 -30.49
CA GLU A 390 -9.66 3.28 -30.17
C GLU A 390 -10.72 2.62 -31.05
N PHE A 391 -11.90 3.23 -31.15
CA PHE A 391 -13.02 2.60 -31.82
C PHE A 391 -13.13 3.00 -33.29
N GLN A 392 -13.18 4.30 -33.57
CA GLN A 392 -13.38 4.74 -34.96
C GLN A 392 -12.12 4.51 -35.80
N LYS A 393 -10.96 4.94 -35.32
CA LYS A 393 -9.73 4.83 -36.08
C LYS A 393 -8.98 3.53 -35.85
N LYS A 394 -9.41 2.71 -34.90
CA LYS A 394 -8.82 1.40 -34.66
C LYS A 394 -7.31 1.49 -34.43
N SER A 395 -6.91 2.40 -33.54
CA SER A 395 -5.52 2.59 -33.16
C SER A 395 -5.44 2.64 -31.64
N ASP A 396 -5.18 1.48 -31.02
CA ASP A 396 -5.03 1.44 -29.57
C ASP A 396 -3.82 2.23 -29.11
N VAL A 397 -2.78 2.32 -29.93
CA VAL A 397 -1.56 3.01 -29.54
C VAL A 397 -1.85 4.47 -29.21
N ASN A 398 -2.59 5.15 -30.09
CA ASN A 398 -2.97 6.53 -29.79
C ASN A 398 -4.03 6.60 -28.70
N ALA A 399 -4.89 5.59 -28.61
CA ALA A 399 -5.82 5.53 -27.48
C ALA A 399 -5.05 5.52 -26.16
N ILE A 400 -3.95 4.78 -26.09
CA ILE A 400 -3.13 4.76 -24.88
C ILE A 400 -2.52 6.14 -24.64
N ILE A 401 -1.94 6.73 -25.69
CA ILE A 401 -1.28 8.02 -25.54
C ILE A 401 -2.21 9.03 -24.89
N HIS A 402 -3.46 9.08 -25.34
CA HIS A 402 -4.39 10.10 -24.89
C HIS A 402 -5.09 9.74 -23.59
N TYR A 403 -5.36 8.45 -23.36
CA TYR A 403 -5.83 8.06 -22.03
C TYR A 403 -4.81 8.43 -20.97
N LEU A 404 -3.52 8.27 -21.27
CA LEU A 404 -2.49 8.67 -20.32
C LEU A 404 -2.51 10.18 -20.09
N LYS A 405 -2.62 10.97 -21.17
CA LYS A 405 -2.60 12.41 -21.03
C LYS A 405 -3.79 12.90 -20.21
N ALA A 406 -4.96 12.30 -20.41
CA ALA A 406 -6.10 12.61 -19.56
C ALA A 406 -5.80 12.28 -18.11
N ILE A 407 -5.10 11.17 -17.87
CA ILE A 407 -4.76 10.77 -16.51
C ILE A 407 -3.68 11.69 -15.93
N LYS A 408 -2.81 12.24 -16.77
CA LYS A 408 -1.70 13.04 -16.25
C LYS A 408 -2.18 14.34 -15.63
N ILE A 409 -3.44 14.71 -15.82
CA ILE A 409 -4.06 15.79 -15.06
C ILE A 409 -4.60 15.14 -13.79
N GLU A 410 -3.83 15.22 -12.72
CA GLU A 410 -4.05 14.37 -11.55
C GLU A 410 -5.38 14.62 -10.85
N GLN A 411 -6.10 15.69 -11.21
CA GLN A 411 -7.35 16.01 -10.53
C GLN A 411 -8.34 14.85 -10.71
N ALA A 412 -8.71 14.23 -9.59
CA ALA A 412 -9.68 13.15 -9.62
C ALA A 412 -11.01 13.64 -10.16
N SER A 413 -11.60 12.86 -11.06
CA SER A 413 -12.87 13.23 -11.68
C SER A 413 -13.49 11.98 -12.28
N LEU A 414 -14.65 12.17 -12.91
CA LEU A 414 -15.34 11.05 -13.55
C LEU A 414 -14.60 10.59 -14.81
N THR A 415 -14.10 11.56 -15.60
CA THR A 415 -13.39 11.20 -16.83
C THR A 415 -12.05 10.54 -16.53
N ARG A 416 -11.34 11.02 -15.51
CA ARG A 416 -10.07 10.40 -15.15
C ARG A 416 -10.28 8.92 -14.83
N ASP A 417 -11.34 8.58 -14.10
CA ASP A 417 -11.62 7.19 -13.79
C ASP A 417 -11.90 6.39 -15.06
N LYS A 418 -12.72 6.95 -15.95
CA LYS A 418 -13.00 6.27 -17.21
C LYS A 418 -11.74 6.09 -18.04
N SER A 419 -10.84 7.07 -18.01
CA SER A 419 -9.59 6.96 -18.74
C SER A 419 -8.73 5.85 -18.18
N ILE A 420 -8.67 5.72 -16.86
CA ILE A 420 -7.94 4.62 -16.23
C ILE A 420 -8.55 3.28 -16.64
N ASN A 421 -9.88 3.17 -16.55
CA ASN A 421 -10.54 1.91 -16.88
C ASN A 421 -10.37 1.58 -18.36
N SER A 422 -10.52 2.58 -19.24
CA SER A 422 -10.29 2.35 -20.67
C SER A 422 -8.86 1.90 -20.92
N LEU A 423 -7.89 2.59 -20.31
CA LEU A 423 -6.51 2.15 -20.42
C LEU A 423 -6.34 0.73 -19.89
N LYS A 424 -6.96 0.43 -18.75
CA LYS A 424 -6.89 -0.91 -18.19
C LYS A 424 -7.47 -1.93 -19.15
N LYS A 425 -8.75 -1.79 -19.49
CA LYS A 425 -9.38 -2.71 -20.44
C LYS A 425 -8.53 -2.86 -21.70
N LEU A 426 -8.04 -1.74 -22.23
CA LEU A 426 -7.29 -1.77 -23.48
C LEU A 426 -5.98 -2.52 -23.31
N VAL A 427 -5.27 -2.29 -22.20
CA VAL A 427 -4.00 -2.97 -21.98
C VAL A 427 -4.23 -4.46 -21.76
N LEU A 428 -5.34 -4.84 -21.12
CA LEU A 428 -5.65 -6.25 -20.92
C LEU A 428 -5.85 -6.95 -22.27
N ARG A 429 -6.41 -6.25 -23.26
CA ARG A 429 -6.54 -6.83 -24.58
C ARG A 429 -5.18 -7.15 -25.18
N LYS A 430 -4.19 -6.28 -24.96
CA LYS A 430 -2.84 -6.54 -25.45
C LYS A 430 -2.26 -7.79 -24.80
N LEU A 431 -2.52 -7.97 -23.50
CA LEU A 431 -1.92 -9.07 -22.77
C LEU A 431 -2.57 -10.42 -23.07
N ARG A 432 -3.83 -10.43 -23.53
CA ARG A 432 -4.46 -11.69 -23.89
C ARG A 432 -3.91 -12.23 -25.21
N ARG A 433 -3.56 -11.35 -26.14
CA ARG A 433 -2.94 -11.79 -27.38
C ARG A 433 -1.45 -12.06 -27.22
N LYS A 434 -0.80 -11.36 -26.30
CA LYS A 434 0.64 -11.56 -26.05
C LYS A 434 0.88 -11.32 -24.56
N ALA A 435 1.23 -12.38 -23.84
CA ALA A 435 1.33 -12.30 -22.39
C ALA A 435 2.59 -11.61 -21.91
N LEU A 436 3.69 -11.73 -22.66
CA LEU A 436 4.97 -11.20 -22.19
C LEU A 436 5.38 -9.96 -22.98
N ASP A 437 4.59 -8.89 -22.89
CA ASP A 437 4.91 -7.60 -23.49
C ASP A 437 5.34 -6.64 -22.39
N LEU A 438 6.55 -6.10 -22.51
CA LEU A 438 7.09 -5.23 -21.46
C LEU A 438 6.17 -4.04 -21.21
N GLU A 439 5.90 -3.26 -22.25
CA GLU A 439 5.09 -2.05 -22.08
C GLU A 439 3.74 -2.40 -21.45
N SER A 440 3.05 -3.40 -22.00
CA SER A 440 1.74 -3.77 -21.47
C SER A 440 1.83 -4.14 -20.00
N LEU A 441 2.89 -4.81 -19.59
CA LEU A 441 3.06 -5.13 -18.17
C LEU A 441 3.30 -3.87 -17.36
N SER A 442 4.10 -2.94 -17.87
CA SER A 442 4.37 -1.71 -17.14
C SER A 442 3.09 -0.86 -17.01
N LEU A 443 2.33 -0.75 -18.10
CA LEU A 443 1.12 0.06 -18.06
C LEU A 443 0.09 -0.53 -17.10
N LEU A 444 -0.02 -1.86 -17.06
CA LEU A 444 -0.98 -2.48 -16.15
C LEU A 444 -0.57 -2.27 -14.69
N GLY A 445 0.73 -2.24 -14.41
CA GLY A 445 1.17 -1.90 -13.07
C GLY A 445 0.95 -0.43 -12.76
N PHE A 446 1.14 0.43 -13.75
CA PHE A 446 0.83 1.85 -13.59
C PHE A 446 -0.66 2.05 -13.33
N VAL A 447 -1.50 1.25 -13.98
CA VAL A 447 -2.95 1.34 -13.78
C VAL A 447 -3.30 0.97 -12.34
N TYR A 448 -2.76 -0.15 -11.87
CA TYR A 448 -3.07 -0.60 -10.51
C TYR A 448 -2.59 0.40 -9.46
N LYS A 449 -1.52 1.14 -9.75
CA LYS A 449 -1.09 2.18 -8.83
C LYS A 449 -2.14 3.28 -8.73
N LEU A 450 -2.66 3.75 -9.87
CA LEU A 450 -3.69 4.76 -9.86
C LEU A 450 -4.93 4.28 -9.12
N GLU A 451 -5.28 3.01 -9.28
CA GLU A 451 -6.44 2.46 -8.59
C GLU A 451 -6.20 2.31 -7.09
N GLY A 452 -4.97 2.45 -6.63
CA GLY A 452 -4.65 2.29 -5.22
C GLY A 452 -4.24 0.89 -4.82
N ASN A 453 -4.16 -0.04 -5.77
CA ASN A 453 -3.73 -1.41 -5.47
C ASN A 453 -2.21 -1.48 -5.62
N MET A 454 -1.52 -1.08 -4.55
CA MET A 454 -0.07 -0.96 -4.61
C MET A 454 0.62 -2.31 -4.69
N ASN A 455 -0.01 -3.36 -4.15
CA ASN A 455 0.59 -4.70 -4.22
C ASN A 455 0.61 -5.22 -5.65
N GLU A 456 -0.53 -5.15 -6.34
CA GLU A 456 -0.57 -5.57 -7.73
C GLU A 456 0.34 -4.70 -8.59
N ALA A 457 0.44 -3.42 -8.27
CA ALA A 457 1.33 -2.53 -9.02
C ALA A 457 2.78 -2.97 -8.86
N LEU A 458 3.21 -3.21 -7.63
CA LEU A 458 4.57 -3.71 -7.40
C LEU A 458 4.79 -5.04 -8.10
N GLU A 459 3.75 -5.88 -8.15
CA GLU A 459 3.88 -7.18 -8.81
C GLU A 459 4.18 -7.01 -10.29
N TYR A 460 3.26 -6.40 -11.04
CA TYR A 460 3.43 -6.28 -12.48
C TYR A 460 4.65 -5.44 -12.84
N TYR A 461 5.04 -4.50 -11.98
CA TYR A 461 6.30 -3.79 -12.20
C TYR A 461 7.49 -4.73 -12.07
N GLU A 462 7.42 -5.69 -11.15
CA GLU A 462 8.53 -6.60 -10.92
C GLU A 462 8.63 -7.62 -12.04
N ARG A 463 7.53 -8.33 -12.33
CA ARG A 463 7.56 -9.32 -13.41
C ARG A 463 7.78 -8.67 -14.78
N ALA A 464 7.67 -7.34 -14.87
CA ALA A 464 8.07 -6.65 -16.10
C ALA A 464 9.56 -6.37 -16.10
N LEU A 465 10.13 -6.03 -14.94
CA LEU A 465 11.57 -5.84 -14.83
C LEU A 465 12.34 -7.13 -15.06
N ARG A 466 11.70 -8.28 -14.91
CA ARG A 466 12.37 -9.54 -15.23
C ARG A 466 12.54 -9.68 -16.74
N LEU A 467 11.49 -9.36 -17.51
CA LEU A 467 11.64 -9.31 -18.96
C LEU A 467 12.71 -8.30 -19.36
N ALA A 468 12.74 -7.15 -18.69
CA ALA A 468 13.74 -6.13 -18.98
C ALA A 468 15.16 -6.66 -18.82
N ALA A 469 15.34 -7.76 -18.09
CA ALA A 469 16.65 -8.36 -17.89
C ALA A 469 16.89 -9.39 -18.99
N ASP A 470 17.37 -8.90 -20.13
CA ASP A 470 17.67 -9.77 -21.27
C ASP A 470 18.85 -9.21 -22.06
N GLN C 10 -4.72 -60.84 9.08
CA GLN C 10 -5.27 -59.66 9.72
C GLN C 10 -4.47 -59.27 10.96
N VAL C 11 -3.34 -59.93 11.17
CA VAL C 11 -2.46 -59.58 12.29
C VAL C 11 -1.84 -58.20 12.04
N LYS C 12 -1.31 -57.98 10.84
CA LYS C 12 -0.79 -56.66 10.49
C LYS C 12 -1.81 -55.58 10.77
N ASP C 13 -3.07 -55.82 10.39
CA ASP C 13 -4.12 -54.83 10.61
C ASP C 13 -4.32 -54.56 12.09
N SER C 14 -4.11 -55.57 12.94
CA SER C 14 -4.23 -55.38 14.38
C SER C 14 -3.01 -54.66 14.95
N LEU C 15 -1.81 -55.06 14.51
CA LEU C 15 -0.59 -54.45 15.04
C LEU C 15 -0.57 -52.94 14.82
N GLU C 16 -1.17 -52.47 13.72
CA GLU C 16 -1.15 -51.05 13.40
C GLU C 16 -2.03 -50.23 14.34
N GLN C 17 -2.90 -50.87 15.12
CA GLN C 17 -3.71 -50.17 16.11
C GLN C 17 -3.03 -50.08 17.46
N LEU C 18 -1.97 -50.85 17.69
CA LEU C 18 -1.25 -50.78 18.96
C LEU C 18 -0.54 -49.45 19.10
N ARG C 19 -0.58 -48.88 20.31
CA ARG C 19 0.13 -47.65 20.63
C ARG C 19 1.53 -48.02 21.12
N CYS C 20 2.52 -47.85 20.25
CA CYS C 20 3.91 -48.14 20.61
C CYS C 20 4.81 -47.46 19.58
N HIS C 21 6.12 -47.68 19.72
CA HIS C 21 7.08 -46.99 18.88
C HIS C 21 6.93 -47.36 17.41
N PHE C 22 6.42 -48.56 17.12
CA PHE C 22 6.27 -48.98 15.73
C PHE C 22 5.15 -48.24 15.02
N THR C 23 4.20 -47.65 15.74
CA THR C 23 3.07 -46.94 15.14
C THR C 23 3.06 -45.45 15.45
N TRP C 24 4.11 -44.93 16.09
CA TRP C 24 4.15 -43.51 16.44
C TRP C 24 4.78 -42.65 15.35
N GLU C 25 5.18 -43.24 14.23
CA GLU C 25 5.74 -42.50 13.10
C GLU C 25 6.88 -41.58 13.56
N LEU C 26 7.83 -42.17 14.28
CA LEU C 26 8.99 -41.42 14.73
C LEU C 26 9.86 -41.05 13.53
N SER C 27 10.11 -39.76 13.35
CA SER C 27 10.91 -39.28 12.23
C SER C 27 12.38 -39.37 12.61
N ILE C 28 13.05 -40.41 12.11
CA ILE C 28 14.47 -40.65 12.41
C ILE C 28 15.20 -40.76 11.09
N ASP C 29 15.96 -39.73 10.74
CA ASP C 29 16.79 -39.78 9.55
C ASP C 29 17.87 -40.85 9.71
N ASP C 30 18.24 -41.48 8.58
CA ASP C 30 19.25 -42.52 8.64
C ASP C 30 20.55 -42.00 9.24
N ASP C 31 20.90 -40.75 8.92
CA ASP C 31 22.16 -40.18 9.42
C ASP C 31 22.11 -39.85 10.90
N GLU C 32 20.92 -39.79 11.49
CA GLU C 32 20.76 -39.53 12.91
C GLU C 32 20.75 -40.80 13.75
N MET C 33 20.92 -41.97 13.13
CA MET C 33 20.80 -43.22 13.87
C MET C 33 21.93 -43.39 14.88
N PRO C 34 23.20 -43.25 14.51
CA PRO C 34 24.26 -43.42 15.53
C PRO C 34 24.10 -42.48 16.71
N ASP C 35 23.87 -41.19 16.45
CA ASP C 35 23.72 -40.23 17.54
C ASP C 35 22.53 -40.58 18.43
N LEU C 36 21.39 -40.94 17.82
CA LEU C 36 20.22 -41.31 18.61
C LEU C 36 20.55 -42.43 19.58
N GLU C 37 21.17 -43.51 19.09
CA GLU C 37 21.52 -44.62 19.97
C GLU C 37 22.39 -44.14 21.13
N ASN C 38 23.41 -43.36 20.83
CA ASN C 38 24.28 -42.84 21.88
C ASN C 38 23.47 -42.06 22.92
N ARG C 39 22.61 -41.15 22.45
CA ARG C 39 21.82 -40.33 23.37
C ARG C 39 20.89 -41.19 24.22
N VAL C 40 20.38 -42.29 23.66
CA VAL C 40 19.54 -43.20 24.43
C VAL C 40 20.37 -43.87 25.52
N LEU C 41 21.51 -44.45 25.15
CA LEU C 41 22.37 -45.11 26.14
C LEU C 41 22.80 -44.13 27.23
N ASP C 42 23.19 -42.91 26.85
CA ASP C 42 23.54 -41.91 27.85
C ASP C 42 22.42 -41.73 28.87
N GLN C 43 21.17 -41.76 28.41
CA GLN C 43 20.04 -41.61 29.31
C GLN C 43 19.86 -42.83 30.21
N ILE C 44 20.25 -44.02 29.71
CA ILE C 44 20.15 -45.22 30.53
C ILE C 44 20.93 -45.07 31.82
N GLU C 45 22.16 -44.55 31.72
CA GLU C 45 23.07 -44.51 32.86
C GLU C 45 22.89 -43.26 33.72
N PHE C 46 22.80 -42.08 33.08
CA PHE C 46 22.95 -40.82 33.79
C PHE C 46 21.62 -40.08 33.99
N LEU C 47 20.50 -40.77 33.84
CA LEU C 47 19.19 -40.18 34.16
C LEU C 47 18.36 -41.15 34.98
N SER C 52 11.90 -45.64 33.96
CA SER C 52 13.07 -46.12 33.22
C SER C 52 12.67 -47.17 32.16
N VAL C 53 11.39 -47.49 32.09
CA VAL C 53 10.92 -48.49 31.15
C VAL C 53 10.86 -47.93 29.74
N GLY C 54 10.27 -46.75 29.58
CA GLY C 54 10.08 -46.19 28.25
C GLY C 54 11.37 -46.01 27.48
N ILE C 55 12.49 -45.82 28.19
CA ILE C 55 13.75 -45.55 27.53
C ILE C 55 14.31 -46.81 26.90
N HIS C 56 14.13 -47.96 27.57
CA HIS C 56 14.55 -49.22 26.98
C HIS C 56 13.67 -49.63 25.81
N ASN C 57 12.39 -49.24 25.85
CA ASN C 57 11.52 -49.51 24.71
C ASN C 57 12.03 -48.79 23.46
N LEU C 58 12.45 -47.54 23.62
CA LEU C 58 13.02 -46.81 22.48
C LEU C 58 14.30 -47.47 22.01
N LEU C 59 15.18 -47.84 22.95
CA LEU C 59 16.42 -48.52 22.58
C LEU C 59 16.12 -49.78 21.79
N ALA C 60 15.09 -50.53 22.19
CA ALA C 60 14.70 -51.73 21.44
C ALA C 60 14.28 -51.37 20.01
N TYR C 61 13.49 -50.31 19.86
CA TYR C 61 13.09 -49.86 18.54
C TYR C 61 14.31 -49.46 17.71
N VAL C 62 15.26 -48.74 18.34
CA VAL C 62 16.50 -48.39 17.66
C VAL C 62 17.21 -49.64 17.16
N LYS C 63 17.40 -50.62 18.05
CA LYS C 63 18.07 -51.86 17.65
C LYS C 63 17.36 -52.53 16.49
N HIS C 64 16.02 -52.48 16.47
CA HIS C 64 15.27 -53.06 15.37
C HIS C 64 15.63 -52.39 14.05
N LEU C 65 15.63 -51.07 14.01
CA LEU C 65 15.85 -50.35 12.76
C LEU C 65 17.26 -50.56 12.21
N LYS C 66 18.20 -51.01 13.04
CA LYS C 66 19.56 -51.30 12.58
C LYS C 66 19.80 -52.79 12.36
N GLY C 67 18.73 -53.56 12.16
CA GLY C 67 18.86 -54.96 11.83
C GLY C 67 19.38 -55.83 12.97
N GLN C 68 18.89 -55.61 14.19
CA GLN C 68 19.30 -56.39 15.35
C GLN C 68 18.06 -56.70 16.19
N ASN C 69 17.09 -57.39 15.57
CA ASN C 69 15.84 -57.70 16.26
C ASN C 69 16.10 -58.52 17.52
N GLU C 70 17.03 -59.47 17.45
CA GLU C 70 17.30 -60.33 18.61
C GLU C 70 17.77 -59.47 19.79
N GLU C 71 18.74 -58.59 19.55
CA GLU C 71 19.21 -57.69 20.60
C GLU C 71 18.12 -56.72 21.04
N ALA C 72 17.14 -56.46 20.18
CA ALA C 72 16.03 -55.59 20.56
C ALA C 72 15.11 -56.28 21.55
N LEU C 73 14.79 -57.56 21.32
CA LEU C 73 14.02 -58.33 22.29
C LEU C 73 14.67 -58.28 23.66
N LYS C 74 16.00 -58.35 23.71
CA LYS C 74 16.71 -58.31 24.98
C LYS C 74 16.48 -56.98 25.69
N SER C 75 16.32 -55.89 24.93
CA SER C 75 16.00 -54.60 25.53
C SER C 75 14.53 -54.52 25.93
N LEU C 76 13.64 -55.20 25.21
CA LEU C 76 12.25 -55.26 25.62
C LEU C 76 12.08 -56.11 26.88
N LYS C 77 12.71 -57.29 26.90
CA LYS C 77 12.63 -58.14 28.07
C LYS C 77 13.25 -57.46 29.29
N GLU C 78 14.33 -56.70 29.08
CA GLU C 78 14.92 -55.95 30.18
C GLU C 78 14.01 -54.80 30.62
N ALA C 79 13.25 -54.23 29.69
CA ALA C 79 12.33 -53.16 30.05
C ALA C 79 11.17 -53.67 30.90
N GLU C 80 10.72 -54.90 30.64
CA GLU C 80 9.58 -55.46 31.38
C GLU C 80 9.92 -55.75 32.84
N ASN C 81 11.21 -55.86 33.17
CA ASN C 81 11.60 -56.15 34.54
C ASN C 81 11.42 -54.93 35.44
N LEU C 82 11.55 -53.73 34.90
CA LEU C 82 11.41 -52.52 35.69
C LEU C 82 9.98 -51.98 35.62
N VAL C 93 -0.40 -49.80 33.81
CA VAL C 93 -0.98 -49.81 32.46
C VAL C 93 0.09 -49.45 31.43
N ARG C 94 1.23 -48.95 31.90
CA ARG C 94 2.30 -48.53 31.00
C ARG C 94 3.00 -49.71 30.35
N SER C 95 2.69 -50.94 30.75
CA SER C 95 3.30 -52.12 30.12
C SER C 95 2.78 -52.35 28.71
N LEU C 96 1.66 -51.72 28.34
CA LEU C 96 1.07 -51.99 27.03
C LEU C 96 2.02 -51.57 25.90
N VAL C 97 2.76 -50.49 26.09
CA VAL C 97 3.76 -50.10 25.09
C VAL C 97 4.78 -51.22 24.92
N THR C 98 5.23 -51.80 26.02
CA THR C 98 6.22 -52.87 25.94
C THR C 98 5.63 -54.11 25.27
N TRP C 99 4.35 -54.39 25.53
CA TRP C 99 3.71 -55.53 24.89
C TRP C 99 3.46 -55.27 23.40
N GLY C 100 3.18 -54.02 23.04
CA GLY C 100 3.00 -53.71 21.63
C GLY C 100 4.29 -53.84 20.84
N ASN C 101 5.42 -53.44 21.42
CA ASN C 101 6.70 -53.61 20.76
C ASN C 101 7.05 -55.08 20.59
N PHE C 102 6.79 -55.89 21.63
CA PHE C 102 6.94 -57.34 21.50
C PHE C 102 6.15 -57.86 20.31
N ALA C 103 4.86 -57.51 20.25
CA ALA C 103 4.00 -57.97 19.16
C ALA C 103 4.61 -57.60 17.80
N TRP C 104 4.94 -56.33 17.61
CA TRP C 104 5.55 -55.91 16.36
C TRP C 104 6.87 -56.64 16.11
N MET C 105 7.64 -56.89 17.16
CA MET C 105 8.95 -57.51 16.99
C MET C 105 8.82 -58.92 16.46
N TYR C 106 8.05 -59.76 17.15
CA TYR C 106 7.86 -61.14 16.71
C TYR C 106 7.27 -61.21 15.30
N TYR C 107 6.48 -60.21 14.92
CA TYR C 107 5.93 -60.17 13.57
C TYR C 107 7.04 -60.09 12.53
N HIS C 108 7.96 -59.12 12.71
CA HIS C 108 9.07 -58.99 11.76
C HIS C 108 9.96 -60.22 11.76
N MET C 109 10.04 -60.93 12.88
CA MET C 109 10.90 -62.10 13.00
C MET C 109 10.21 -63.38 12.52
N GLY C 110 9.07 -63.27 11.86
CA GLY C 110 8.34 -64.43 11.38
C GLY C 110 7.69 -65.28 12.45
N ARG C 111 7.89 -64.95 13.72
CA ARG C 111 7.30 -65.72 14.82
C ARG C 111 5.96 -65.13 15.22
N LEU C 112 5.05 -65.04 14.23
CA LEU C 112 3.78 -64.37 14.42
C LEU C 112 2.89 -65.07 15.43
N ALA C 113 3.08 -66.37 15.65
CA ALA C 113 2.28 -67.06 16.66
C ALA C 113 2.43 -66.41 18.02
N GLU C 114 3.67 -66.03 18.38
CA GLU C 114 3.89 -65.34 19.64
C GLU C 114 3.35 -63.91 19.61
N ALA C 115 3.34 -63.28 18.43
CA ALA C 115 2.82 -61.93 18.32
C ALA C 115 1.35 -61.87 18.71
N GLN C 116 0.57 -62.88 18.30
CA GLN C 116 -0.84 -62.90 18.63
C GLN C 116 -1.05 -62.96 20.14
N THR C 117 -0.13 -63.58 20.87
CA THR C 117 -0.24 -63.63 22.32
C THR C 117 -0.26 -62.23 22.92
N TYR C 118 0.78 -61.44 22.63
CA TYR C 118 0.86 -60.09 23.18
C TYR C 118 -0.27 -59.21 22.68
N LEU C 119 -0.79 -59.47 21.48
CA LEU C 119 -1.98 -58.77 21.04
C LEU C 119 -3.15 -59.02 21.99
N ASP C 120 -3.27 -60.26 22.48
CA ASP C 120 -4.37 -60.59 23.38
C ASP C 120 -4.16 -59.99 24.76
N LYS C 121 -2.91 -59.97 25.24
CA LYS C 121 -2.63 -59.35 26.53
C LYS C 121 -3.01 -57.87 26.52
N VAL C 122 -2.80 -57.20 25.38
CA VAL C 122 -3.24 -55.81 25.26
C VAL C 122 -4.76 -55.73 25.24
N GLU C 123 -5.41 -56.67 24.53
CA GLU C 123 -6.87 -56.64 24.46
C GLU C 123 -7.49 -56.86 25.82
N ASN C 124 -6.91 -57.76 26.63
CA ASN C 124 -7.45 -58.02 27.97
C ASN C 124 -7.45 -56.75 28.81
N ILE C 125 -6.33 -56.03 28.84
CA ILE C 125 -6.26 -54.79 29.60
C ILE C 125 -7.25 -53.78 29.03
N CYS C 126 -7.32 -53.67 27.70
CA CYS C 126 -8.30 -52.78 27.08
C CYS C 126 -9.72 -53.20 27.44
N LYS C 127 -9.98 -54.51 27.46
CA LYS C 127 -11.32 -54.99 27.77
C LYS C 127 -11.68 -54.70 29.22
N LYS C 128 -10.73 -54.88 30.15
CA LYS C 128 -11.01 -54.72 31.57
C LYS C 128 -11.13 -53.27 32.00
N LEU C 129 -10.52 -52.34 31.28
CA LEU C 129 -10.59 -50.92 31.61
C LEU C 129 -11.68 -50.19 30.83
N SER C 130 -12.59 -50.93 30.20
CA SER C 130 -13.69 -50.34 29.44
C SER C 130 -13.18 -49.44 28.32
N ASN C 131 -12.01 -49.76 27.79
CA ASN C 131 -11.41 -48.95 26.74
C ASN C 131 -12.29 -49.01 25.49
N PRO C 132 -12.53 -47.88 24.82
CA PRO C 132 -13.43 -47.89 23.66
C PRO C 132 -12.88 -48.59 22.43
N PHE C 133 -11.58 -48.89 22.40
CA PHE C 133 -10.96 -49.55 21.26
C PHE C 133 -10.49 -50.94 21.66
N ARG C 134 -10.29 -51.79 20.65
CA ARG C 134 -9.86 -53.15 20.89
C ARG C 134 -8.42 -53.19 21.38
N TYR C 135 -7.52 -52.46 20.70
CA TYR C 135 -6.09 -52.49 21.02
C TYR C 135 -5.50 -51.13 21.36
N ARG C 136 -6.15 -50.02 20.98
CA ARG C 136 -5.63 -48.68 21.23
C ARG C 136 -6.08 -48.24 22.61
N MET C 137 -5.15 -48.23 23.56
CA MET C 137 -5.47 -47.85 24.93
C MET C 137 -5.47 -46.33 25.05
N GLU C 138 -6.61 -45.77 25.45
CA GLU C 138 -6.76 -44.33 25.66
C GLU C 138 -6.56 -44.05 27.15
N CYS C 139 -5.41 -43.49 27.50
CA CYS C 139 -5.12 -43.13 28.87
C CYS C 139 -3.93 -42.17 28.87
N PRO C 140 -3.78 -41.37 29.93
CA PRO C 140 -2.69 -40.38 29.93
C PRO C 140 -1.31 -41.01 30.02
N GLU C 141 -1.19 -42.19 30.63
CA GLU C 141 0.12 -42.83 30.71
C GLU C 141 0.72 -43.03 29.33
N ILE C 142 -0.06 -43.59 28.39
CA ILE C 142 0.44 -43.81 27.04
C ILE C 142 0.68 -42.48 26.34
N ASP C 143 -0.16 -41.48 26.61
CA ASP C 143 0.05 -40.17 26.00
C ASP C 143 1.41 -39.61 26.35
N CYS C 144 1.84 -39.75 27.61
CA CYS C 144 3.17 -39.32 28.00
C CYS C 144 4.24 -40.19 27.35
N GLU C 145 4.02 -41.52 27.32
CA GLU C 145 4.94 -42.41 26.64
C GLU C 145 5.21 -41.94 25.21
N GLU C 146 4.15 -41.56 24.49
CA GLU C 146 4.33 -41.09 23.12
C GLU C 146 5.07 -39.76 23.09
N GLY C 147 4.78 -38.87 24.05
CA GLY C 147 5.45 -37.59 24.09
C GLY C 147 6.95 -37.70 24.30
N TRP C 148 7.36 -38.55 25.24
CA TRP C 148 8.79 -38.70 25.52
C TRP C 148 9.53 -39.30 24.34
N ALA C 149 8.97 -40.33 23.71
CA ALA C 149 9.60 -40.91 22.53
C ALA C 149 9.80 -39.86 21.44
N LEU C 150 8.74 -39.11 21.12
CA LEU C 150 8.85 -38.07 20.11
C LEU C 150 9.89 -37.04 20.51
N LEU C 151 9.88 -36.62 21.77
CA LEU C 151 10.78 -35.59 22.25
C LEU C 151 12.25 -36.03 22.18
N LYS C 152 12.52 -37.30 21.93
CA LYS C 152 13.88 -37.83 21.90
C LYS C 152 14.40 -38.12 20.50
N CYS C 153 13.52 -38.17 19.49
CA CYS C 153 13.88 -38.64 18.17
C CYS C 153 14.06 -37.52 17.15
N GLY C 154 14.10 -36.26 17.59
CA GLY C 154 14.39 -35.16 16.68
C GLY C 154 13.36 -34.05 16.68
N GLY C 155 13.80 -32.85 16.29
CA GLY C 155 12.95 -31.67 16.33
C GLY C 155 11.73 -31.76 15.43
N LYS C 156 11.78 -32.59 14.38
CA LYS C 156 10.64 -32.70 13.49
C LYS C 156 9.40 -33.23 14.21
N ASN C 157 9.55 -33.82 15.39
CA ASN C 157 8.44 -34.42 16.13
C ASN C 157 7.98 -33.55 17.31
N TYR C 158 8.58 -32.39 17.53
CA TYR C 158 8.34 -31.66 18.77
C TYR C 158 6.92 -31.09 18.83
N GLU C 159 6.33 -30.73 17.68
CA GLU C 159 4.95 -30.25 17.71
C GLU C 159 4.00 -31.35 18.17
N ARG C 160 4.20 -32.57 17.67
CA ARG C 160 3.40 -33.69 18.16
C ARG C 160 3.68 -33.97 19.62
N ALA C 161 4.95 -33.91 20.03
CA ALA C 161 5.31 -34.19 21.41
C ALA C 161 4.59 -33.23 22.35
N LYS C 162 4.56 -31.94 22.02
CA LYS C 162 3.83 -30.99 22.85
C LYS C 162 2.34 -31.32 22.88
N ALA C 163 1.79 -31.78 21.75
CA ALA C 163 0.37 -32.11 21.71
C ALA C 163 0.05 -33.26 22.64
N CYS C 164 0.92 -34.27 22.70
CA CYS C 164 0.70 -35.40 23.59
C CYS C 164 0.57 -34.94 25.04
N PHE C 165 1.57 -34.19 25.52
CA PHE C 165 1.52 -33.72 26.91
C PHE C 165 0.39 -32.73 27.13
N GLU C 166 0.15 -31.85 26.15
CA GLU C 166 -0.96 -30.91 26.27
C GLU C 166 -2.29 -31.65 26.36
N LYS C 167 -2.40 -32.80 25.72
CA LYS C 167 -3.62 -33.60 25.78
C LYS C 167 -3.90 -34.05 27.21
N VAL C 168 -2.86 -34.46 27.93
CA VAL C 168 -3.02 -34.89 29.32
C VAL C 168 -3.39 -33.69 30.19
N LEU C 169 -2.61 -32.61 30.11
CA LEU C 169 -2.84 -31.45 30.96
C LEU C 169 -4.24 -30.87 30.79
N GLU C 170 -4.91 -31.17 29.67
CA GLU C 170 -6.25 -30.65 29.46
C GLU C 170 -7.24 -31.21 30.47
N VAL C 171 -7.00 -32.43 30.97
CA VAL C 171 -7.86 -33.06 31.95
C VAL C 171 -7.24 -33.04 33.35
N ASP C 172 -5.92 -33.21 33.44
CA ASP C 172 -5.20 -33.24 34.72
C ASP C 172 -4.16 -32.13 34.69
N PRO C 173 -4.57 -30.87 34.85
CA PRO C 173 -3.62 -29.75 34.66
C PRO C 173 -2.47 -29.74 35.65
N GLU C 174 -2.59 -30.40 36.79
CA GLU C 174 -1.51 -30.43 37.78
C GLU C 174 -0.66 -31.69 37.67
N ASN C 175 -0.84 -32.47 36.62
CA ASN C 175 -0.05 -33.68 36.45
C ASN C 175 1.43 -33.33 36.31
N PRO C 176 2.30 -33.81 37.20
CA PRO C 176 3.71 -33.39 37.13
C PRO C 176 4.43 -33.88 35.88
N GLU C 177 4.19 -35.13 35.46
CA GLU C 177 4.92 -35.66 34.31
C GLU C 177 4.60 -34.88 33.05
N SER C 178 3.33 -34.82 32.66
CA SER C 178 2.96 -34.10 31.44
C SER C 178 3.28 -32.61 31.55
N SER C 179 3.25 -32.07 32.78
CA SER C 179 3.64 -30.68 32.97
C SER C 179 5.11 -30.48 32.59
N ALA C 180 5.96 -31.45 32.89
CA ALA C 180 7.37 -31.37 32.51
C ALA C 180 7.55 -31.57 31.02
N GLY C 181 6.93 -32.63 30.47
CA GLY C 181 7.02 -32.87 29.04
C GLY C 181 6.52 -31.70 28.22
N TYR C 182 5.42 -31.08 28.65
CA TYR C 182 4.90 -29.92 27.94
C TYR C 182 5.89 -28.77 27.99
N ALA C 183 6.50 -28.52 29.15
CA ALA C 183 7.43 -27.40 29.29
C ALA C 183 8.69 -27.62 28.44
N ILE C 184 9.23 -28.84 28.47
CA ILE C 184 10.42 -29.12 27.68
C ILE C 184 10.13 -28.97 26.19
N SER C 185 8.98 -29.50 25.74
CA SER C 185 8.61 -29.37 24.35
C SER C 185 8.43 -27.90 23.97
N ALA C 186 7.66 -27.16 24.77
CA ALA C 186 7.45 -25.74 24.49
C ALA C 186 8.77 -24.98 24.51
N TYR C 187 9.67 -25.35 25.41
CA TYR C 187 10.97 -24.68 25.48
C TYR C 187 11.78 -24.92 24.22
N ARG C 188 11.83 -26.17 23.76
CA ARG C 188 12.57 -26.49 22.55
C ARG C 188 11.95 -25.85 21.32
N LEU C 189 10.61 -25.73 21.29
CA LEU C 189 9.96 -25.05 20.17
C LEU C 189 10.24 -23.55 20.20
N ASP C 190 10.37 -22.96 21.39
CA ASP C 190 10.79 -21.57 21.47
C ASP C 190 12.20 -21.38 20.93
N GLY C 191 13.06 -22.39 21.11
CA GLY C 191 14.41 -22.32 20.57
C GLY C 191 14.42 -22.22 19.05
N PHE C 192 13.51 -22.93 18.39
CA PHE C 192 13.41 -22.84 16.93
C PHE C 192 13.12 -21.41 16.50
N LYS C 193 12.29 -20.70 17.26
CA LYS C 193 11.84 -19.36 16.90
C LYS C 193 12.58 -18.27 17.67
N LEU C 194 13.73 -18.60 18.28
CA LEU C 194 14.40 -17.64 19.14
C LEU C 194 14.78 -16.36 18.42
N ALA C 195 15.02 -16.42 17.11
CA ALA C 195 15.52 -15.28 16.36
C ALA C 195 14.46 -14.63 15.47
N THR C 196 13.25 -15.18 15.41
CA THR C 196 12.19 -14.55 14.65
C THR C 196 11.74 -13.28 15.36
N LYS C 197 11.19 -12.34 14.58
CA LYS C 197 10.87 -11.01 15.11
C LYS C 197 9.66 -11.05 16.03
N ASN C 198 8.68 -11.90 15.75
CA ASN C 198 7.54 -12.06 16.65
C ASN C 198 8.03 -12.40 18.05
N HIS C 199 8.67 -13.55 18.21
CA HIS C 199 9.38 -13.92 19.43
C HIS C 199 8.51 -13.70 20.66
N LYS C 200 7.46 -14.52 20.75
CA LYS C 200 6.60 -14.52 21.92
C LYS C 200 6.81 -15.82 22.69
N PRO C 201 7.86 -15.91 23.50
CA PRO C 201 8.17 -17.18 24.18
C PRO C 201 7.06 -17.58 25.14
N PHE C 202 6.40 -18.70 24.82
CA PHE C 202 5.27 -19.20 25.60
C PHE C 202 5.66 -20.33 26.54
N SER C 203 6.95 -20.51 26.80
CA SER C 203 7.43 -21.61 27.64
C SER C 203 7.87 -21.16 29.02
N LEU C 204 7.84 -19.86 29.33
CA LEU C 204 8.31 -19.40 30.62
C LEU C 204 7.39 -19.87 31.75
N LEU C 205 6.09 -19.62 31.63
CA LEU C 205 5.17 -20.07 32.68
C LEU C 205 5.08 -21.59 32.73
N PRO C 206 4.93 -22.31 31.62
CA PRO C 206 4.95 -23.77 31.70
C PRO C 206 6.15 -24.31 32.44
N LEU C 207 7.33 -23.70 32.26
CA LEU C 207 8.52 -24.14 32.99
C LEU C 207 8.37 -23.87 34.49
N ARG C 208 7.88 -22.69 34.85
CA ARG C 208 7.65 -22.40 36.27
C ARG C 208 6.76 -23.46 36.90
N GLN C 209 5.66 -23.81 36.22
CA GLN C 209 4.77 -24.85 36.75
C GLN C 209 5.48 -26.20 36.78
N ALA C 210 6.32 -26.48 35.79
CA ALA C 210 7.06 -27.74 35.78
C ALA C 210 7.99 -27.82 36.97
N VAL C 211 8.66 -26.72 37.32
CA VAL C 211 9.53 -26.71 38.49
C VAL C 211 8.71 -26.87 39.77
N ARG C 212 7.52 -26.25 39.82
CA ARG C 212 6.68 -26.35 41.01
C ARG C 212 6.26 -27.79 41.26
N LEU C 213 5.90 -28.51 40.21
CA LEU C 213 5.40 -29.87 40.35
C LEU C 213 6.50 -30.92 40.34
N ASN C 214 7.74 -30.53 40.04
CA ASN C 214 8.89 -31.44 40.09
C ASN C 214 10.02 -30.73 40.84
N PRO C 215 9.84 -30.50 42.14
CA PRO C 215 10.77 -29.63 42.87
C PRO C 215 12.20 -30.15 42.91
N ASP C 216 12.43 -31.44 42.71
CA ASP C 216 13.76 -32.03 42.78
C ASP C 216 14.34 -32.32 41.40
N ASN C 217 13.69 -31.86 40.33
CA ASN C 217 14.15 -32.14 38.97
C ASN C 217 15.03 -30.99 38.51
N GLY C 218 16.35 -31.19 38.58
CA GLY C 218 17.28 -30.13 38.20
C GLY C 218 17.29 -29.85 36.71
N TYR C 219 17.06 -30.88 35.89
CA TYR C 219 16.96 -30.70 34.45
C TYR C 219 15.96 -29.61 34.11
N ILE C 220 14.80 -29.62 34.77
CA ILE C 220 13.76 -28.62 34.50
C ILE C 220 14.17 -27.28 35.07
N LYS C 221 14.92 -27.27 36.17
CA LYS C 221 15.34 -26.00 36.78
C LYS C 221 16.31 -25.26 35.87
N VAL C 222 17.25 -25.97 35.25
CA VAL C 222 18.22 -25.31 34.38
C VAL C 222 17.53 -24.73 33.15
N LEU C 223 16.54 -25.43 32.60
CA LEU C 223 15.81 -24.91 31.46
C LEU C 223 15.12 -23.60 31.80
N LEU C 224 14.46 -23.54 32.96
CA LEU C 224 13.84 -22.30 33.39
C LEU C 224 14.86 -21.18 33.49
N ALA C 225 16.06 -21.49 34.00
CA ALA C 225 17.10 -20.47 34.12
C ALA C 225 17.53 -19.95 32.75
N LEU C 226 17.74 -20.87 31.80
CA LEU C 226 18.13 -20.46 30.46
C LEU C 226 17.04 -19.63 29.80
N LYS C 227 15.77 -19.97 30.07
CA LYS C 227 14.67 -19.18 29.51
C LYS C 227 14.57 -17.82 30.18
N LEU C 228 14.85 -17.77 31.48
CA LEU C 228 14.92 -16.48 32.15
C LEU C 228 16.10 -15.66 31.63
N GLN C 229 17.23 -16.33 31.36
CA GLN C 229 18.36 -15.64 30.76
C GLN C 229 17.99 -15.09 29.38
N ASP C 230 17.19 -15.83 28.62
CA ASP C 230 16.72 -15.34 27.33
C ASP C 230 15.86 -14.09 27.49
N GLU C 231 15.16 -13.96 28.61
CA GLU C 231 14.23 -12.86 28.83
C GLU C 231 14.84 -11.75 29.70
N GLY C 232 16.16 -11.59 29.65
CA GLY C 232 16.82 -10.54 30.40
C GLY C 232 16.82 -10.71 31.91
N GLN C 233 16.25 -11.80 32.43
CA GLN C 233 16.22 -12.06 33.86
C GLN C 233 17.32 -13.04 34.26
N GLU C 234 18.55 -12.73 33.89
CA GLU C 234 19.68 -13.61 34.17
C GLU C 234 19.86 -13.82 35.67
N ALA C 235 19.61 -12.77 36.46
CA ALA C 235 19.81 -12.87 37.91
C ALA C 235 18.93 -13.98 38.50
N GLU C 236 17.62 -13.88 38.30
CA GLU C 236 16.71 -14.89 38.84
C GLU C 236 17.04 -16.27 38.28
N GLY C 237 17.46 -16.34 37.02
CA GLY C 237 17.81 -17.62 36.43
C GLY C 237 18.96 -18.30 37.14
N GLU C 238 19.99 -17.53 37.49
CA GLU C 238 21.16 -18.13 38.14
C GLU C 238 20.81 -18.72 39.49
N LYS C 239 19.77 -18.21 40.16
CA LYS C 239 19.33 -18.81 41.41
C LYS C 239 18.92 -20.26 41.19
N TYR C 240 18.19 -20.53 40.11
CA TYR C 240 17.80 -21.91 39.81
C TYR C 240 19.00 -22.73 39.34
N ILE C 241 19.99 -22.09 38.73
CA ILE C 241 21.20 -22.81 38.32
C ILE C 241 21.89 -23.42 39.53
N GLU C 242 22.04 -22.62 40.58
CA GLU C 242 22.73 -23.09 41.78
C GLU C 242 21.90 -24.16 42.51
N GLU C 243 20.59 -24.01 42.53
CA GLU C 243 19.74 -25.03 43.14
C GLU C 243 19.91 -26.38 42.44
N ALA C 244 20.07 -26.36 41.11
CA ALA C 244 20.25 -27.60 40.38
C ALA C 244 21.61 -28.23 40.65
N LEU C 245 22.66 -27.41 40.74
CA LEU C 245 23.99 -27.89 41.03
C LEU C 245 24.14 -28.38 42.48
N ALA C 246 23.12 -28.23 43.31
CA ALA C 246 23.15 -28.74 44.67
C ALA C 246 22.68 -30.18 44.78
N ASN C 247 21.95 -30.68 43.78
CA ASN C 247 21.46 -32.04 43.79
C ASN C 247 22.44 -32.97 43.07
N MET C 248 22.45 -34.24 43.49
CA MET C 248 23.35 -35.23 42.93
C MET C 248 22.98 -35.53 41.48
N THR C 252 25.41 -34.95 33.98
CA THR C 252 25.84 -34.39 32.70
C THR C 252 24.80 -33.44 32.14
N TYR C 253 23.52 -33.76 32.34
CA TYR C 253 22.45 -32.92 31.80
C TYR C 253 22.41 -31.58 32.51
N VAL C 254 22.57 -31.56 33.84
CA VAL C 254 22.68 -30.30 34.54
C VAL C 254 23.94 -29.56 34.12
N PHE C 255 25.04 -30.29 33.92
CA PHE C 255 26.30 -29.65 33.54
C PHE C 255 26.23 -29.07 32.14
N ARG C 256 25.73 -29.84 31.17
CA ARG C 256 25.74 -29.38 29.78
C ARG C 256 24.90 -28.12 29.61
N TYR C 257 23.74 -28.06 30.28
CA TYR C 257 22.89 -26.88 30.16
C TYR C 257 23.34 -25.75 31.09
N ALA C 258 23.86 -26.08 32.26
CA ALA C 258 24.43 -25.05 33.13
C ALA C 258 25.62 -24.38 32.46
N ALA C 259 26.43 -25.14 31.74
CA ALA C 259 27.55 -24.55 31.01
C ALA C 259 27.08 -23.49 30.03
N LYS C 260 25.95 -23.73 29.37
CA LYS C 260 25.41 -22.73 28.47
C LYS C 260 25.05 -21.44 29.19
N PHE C 261 24.41 -21.57 30.36
CA PHE C 261 24.05 -20.38 31.13
C PHE C 261 25.29 -19.57 31.50
N TYR C 262 26.34 -20.24 31.94
CA TYR C 262 27.55 -19.53 32.35
C TYR C 262 28.27 -18.92 31.15
N ARG C 263 28.38 -19.68 30.05
CA ARG C 263 29.02 -19.13 28.85
C ARG C 263 28.34 -17.84 28.40
N ARG C 264 27.03 -17.88 28.20
CA ARG C 264 26.31 -16.67 27.79
C ARG C 264 26.35 -15.58 28.85
N LYS C 265 26.61 -15.93 30.10
CA LYS C 265 26.78 -14.92 31.14
C LYS C 265 28.15 -14.27 31.10
N GLY C 266 29.15 -14.95 30.56
CA GLY C 266 30.51 -14.46 30.47
C GLY C 266 31.53 -15.34 31.15
N SER C 267 31.11 -16.24 32.04
CA SER C 267 32.03 -17.11 32.77
C SER C 267 32.44 -18.28 31.87
N VAL C 268 33.20 -17.95 30.83
CA VAL C 268 33.56 -18.94 29.82
C VAL C 268 34.46 -20.01 30.42
N ASP C 269 35.36 -19.62 31.33
CA ASP C 269 36.24 -20.61 31.96
C ASP C 269 35.45 -21.57 32.82
N LYS C 270 34.46 -21.06 33.57
CA LYS C 270 33.61 -21.95 34.35
C LYS C 270 32.84 -22.92 33.48
N ALA C 271 32.36 -22.44 32.32
CA ALA C 271 31.60 -23.31 31.42
C ALA C 271 32.48 -24.43 30.86
N LEU C 272 33.68 -24.08 30.39
CA LEU C 272 34.59 -25.10 29.88
C LEU C 272 34.83 -26.19 30.91
N GLU C 273 34.92 -25.81 32.19
CA GLU C 273 35.12 -26.79 33.25
C GLU C 273 33.94 -27.76 33.34
N LEU C 274 32.72 -27.21 33.39
CA LEU C 274 31.53 -28.05 33.49
C LEU C 274 31.40 -28.96 32.28
N LEU C 275 31.73 -28.46 31.09
CA LEU C 275 31.58 -29.27 29.88
C LEU C 275 32.57 -30.43 29.87
N LYS C 276 33.82 -30.17 30.22
CA LYS C 276 34.82 -31.24 30.23
C LYS C 276 34.48 -32.30 31.27
N LYS C 277 33.86 -31.91 32.37
CA LYS C 277 33.37 -32.92 33.33
C LYS C 277 32.23 -33.72 32.72
N ALA C 278 31.23 -33.04 32.16
CA ALA C 278 30.11 -33.74 31.53
C ALA C 278 30.59 -34.62 30.38
N LEU C 279 31.67 -34.22 29.70
CA LEU C 279 32.16 -35.01 28.57
C LEU C 279 32.72 -36.35 29.01
N GLN C 280 33.22 -36.43 30.24
CA GLN C 280 33.69 -37.71 30.77
C GLN C 280 32.56 -38.72 30.88
N GLU C 281 31.37 -38.26 31.26
CA GLU C 281 30.22 -39.14 31.38
C GLU C 281 29.64 -39.49 30.02
N THR C 282 29.44 -38.49 29.16
CA THR C 282 28.84 -38.65 27.85
C THR C 282 29.81 -38.13 26.80
N PRO C 283 30.85 -38.92 26.46
CA PRO C 283 31.86 -38.43 25.51
C PRO C 283 31.33 -38.23 24.10
N THR C 284 30.23 -38.86 23.71
CA THR C 284 29.72 -38.78 22.35
C THR C 284 28.67 -37.69 22.17
N SER C 285 28.46 -36.84 23.17
CA SER C 285 27.40 -35.83 23.11
C SER C 285 27.79 -34.73 22.12
N VAL C 286 27.05 -34.62 21.02
CA VAL C 286 27.31 -33.55 20.06
C VAL C 286 26.98 -32.20 20.68
N LEU C 287 25.98 -32.15 21.56
CA LEU C 287 25.64 -30.90 22.22
C LEU C 287 26.81 -30.38 23.05
N LEU C 288 27.51 -31.28 23.75
CA LEU C 288 28.67 -30.88 24.53
C LEU C 288 29.79 -30.38 23.62
N HIS C 289 30.12 -31.16 22.59
CA HIS C 289 31.17 -30.76 21.65
C HIS C 289 30.86 -29.40 21.04
N HIS C 290 29.59 -29.17 20.68
CA HIS C 290 29.21 -27.87 20.14
C HIS C 290 29.42 -26.77 21.17
N GLN C 291 28.90 -26.96 22.38
CA GLN C 291 29.08 -25.97 23.44
C GLN C 291 30.55 -25.72 23.71
N ILE C 292 31.35 -26.80 23.80
CA ILE C 292 32.79 -26.65 24.03
C ILE C 292 33.40 -25.73 22.97
N GLY C 293 33.07 -25.98 21.70
CA GLY C 293 33.58 -25.13 20.64
C GLY C 293 33.16 -23.68 20.80
N LEU C 294 31.91 -23.46 21.24
CA LEU C 294 31.43 -22.10 21.44
C LEU C 294 32.19 -21.39 22.55
N CYS C 295 32.68 -22.14 23.54
CA CYS C 295 33.48 -21.54 24.61
C CYS C 295 34.82 -21.06 24.07
N TYR C 296 35.54 -21.93 23.37
CA TYR C 296 36.80 -21.53 22.74
C TYR C 296 36.59 -20.33 21.83
N LYS C 297 35.49 -20.33 21.07
CA LYS C 297 35.19 -19.18 20.23
C LYS C 297 35.03 -17.92 21.07
N ALA C 298 34.31 -18.02 22.19
CA ALA C 298 34.17 -16.87 23.08
C ALA C 298 35.54 -16.42 23.60
N GLN C 299 36.43 -17.36 23.90
CA GLN C 299 37.77 -17.01 24.36
C GLN C 299 38.59 -16.39 23.24
N MET C 300 38.39 -16.85 22.00
CA MET C 300 39.06 -16.25 20.86
C MET C 300 38.68 -14.78 20.73
N ILE C 301 37.41 -14.44 20.98
CA ILE C 301 36.99 -13.05 20.92
C ILE C 301 37.56 -12.27 22.10
N GLN C 302 37.67 -12.91 23.27
CA GLN C 302 38.25 -12.24 24.43
C GLN C 302 39.64 -11.72 24.11
N ILE C 303 40.50 -12.57 23.53
CA ILE C 303 41.85 -12.15 23.18
C ILE C 303 41.80 -11.09 22.08
N LYS C 304 40.95 -11.29 21.07
CA LYS C 304 40.92 -10.35 19.95
C LYS C 304 40.64 -8.93 20.41
N GLU C 305 39.68 -8.76 21.32
CA GLU C 305 39.37 -7.43 21.83
C GLU C 305 40.42 -6.93 22.81
N ALA C 306 41.37 -7.76 23.21
CA ALA C 306 42.43 -7.34 24.12
C ALA C 306 43.47 -6.50 23.36
N ASN C 315 50.12 -14.74 23.02
CA ASN C 315 48.75 -14.42 22.64
C ASN C 315 48.38 -15.07 21.31
N ARG C 316 49.18 -14.82 20.27
CA ARG C 316 48.90 -15.43 18.98
C ARG C 316 48.91 -16.96 19.08
N GLU C 317 49.85 -17.51 19.85
CA GLU C 317 49.85 -18.94 20.08
C GLU C 317 48.58 -19.39 20.79
N LYS C 318 48.03 -18.55 21.66
CA LYS C 318 46.78 -18.89 22.33
C LYS C 318 45.60 -18.79 21.39
N LEU C 319 45.55 -17.74 20.57
CA LEU C 319 44.46 -17.57 19.62
C LEU C 319 44.41 -18.74 18.63
N ASP C 320 45.55 -19.07 18.03
CA ASP C 320 45.60 -20.20 17.12
C ASP C 320 45.29 -21.51 17.84
N LYS C 321 45.65 -21.60 19.12
CA LYS C 321 45.37 -22.81 19.90
C LYS C 321 43.87 -23.01 20.09
N MET C 322 43.14 -21.93 20.38
CA MET C 322 41.70 -22.04 20.60
C MET C 322 40.95 -22.27 19.28
N ILE C 323 41.43 -21.66 18.19
CA ILE C 323 40.82 -21.91 16.89
C ILE C 323 40.96 -23.39 16.53
N ARG C 324 42.16 -23.95 16.71
CA ARG C 324 42.37 -25.35 16.39
C ARG C 324 41.52 -26.26 17.28
N SER C 325 41.25 -25.82 18.51
CA SER C 325 40.40 -26.61 19.41
C SER C 325 38.92 -26.46 19.06
N ALA C 326 38.50 -25.25 18.71
CA ALA C 326 37.10 -25.04 18.32
C ALA C 326 36.77 -25.82 17.06
N ILE C 327 37.65 -25.79 16.06
CA ILE C 327 37.43 -26.57 14.85
C ILE C 327 37.35 -28.06 15.19
N PHE C 328 38.22 -28.51 16.10
CA PHE C 328 38.22 -29.92 16.47
C PHE C 328 36.87 -30.37 17.01
N HIS C 329 36.25 -29.56 17.88
CA HIS C 329 35.00 -29.96 18.50
C HIS C 329 33.82 -29.76 17.55
N PHE C 330 33.75 -28.61 16.87
CA PHE C 330 32.74 -28.44 15.83
C PHE C 330 32.82 -29.59 14.83
N GLU C 331 34.05 -29.97 14.45
CA GLU C 331 34.21 -31.08 13.51
C GLU C 331 33.79 -32.40 14.13
N SER C 332 33.94 -32.54 15.44
CA SER C 332 33.49 -33.75 16.12
C SER C 332 31.97 -33.82 16.19
N ALA C 333 31.32 -32.68 16.40
CA ALA C 333 29.86 -32.65 16.43
C ALA C 333 29.27 -32.96 15.06
N VAL C 334 29.85 -32.40 14.00
CA VAL C 334 29.35 -32.65 12.65
C VAL C 334 29.64 -34.08 12.23
N GLU C 335 30.71 -34.68 12.77
CA GLU C 335 31.03 -36.07 12.43
C GLU C 335 29.98 -37.02 12.99
N LYS C 336 29.59 -36.82 14.25
CA LYS C 336 28.67 -37.74 14.91
C LYS C 336 27.23 -37.51 14.48
N LYS C 337 26.83 -36.25 14.28
CA LYS C 337 25.47 -35.92 13.84
C LYS C 337 25.58 -34.98 12.64
N PRO C 338 25.68 -35.52 11.43
CA PRO C 338 25.79 -34.65 10.24
C PRO C 338 24.54 -33.85 9.93
N THR C 339 23.41 -34.11 10.59
CA THR C 339 22.24 -33.24 10.45
C THR C 339 22.29 -32.04 11.38
N PHE C 340 23.34 -31.93 12.19
CA PHE C 340 23.55 -30.78 13.06
C PHE C 340 23.93 -29.57 12.21
N GLU C 341 22.94 -29.00 11.51
CA GLU C 341 23.23 -27.95 10.55
C GLU C 341 23.92 -26.76 11.20
N VAL C 342 23.50 -26.39 12.41
CA VAL C 342 24.05 -25.20 13.05
C VAL C 342 25.52 -25.41 13.40
N ALA C 343 25.89 -26.59 13.91
CA ALA C 343 27.29 -26.87 14.20
C ALA C 343 28.12 -26.83 12.92
N HIS C 344 27.55 -27.31 11.81
CA HIS C 344 28.23 -27.23 10.53
C HIS C 344 28.47 -25.78 10.12
N LEU C 345 27.56 -24.87 10.51
CA LEU C 345 27.73 -23.46 10.17
C LEU C 345 28.81 -22.81 11.01
N ASP C 346 28.81 -23.07 12.32
CA ASP C 346 29.88 -22.58 13.17
C ASP C 346 31.23 -23.12 12.72
N LEU C 347 31.25 -24.33 12.14
CA LEU C 347 32.49 -24.88 11.61
C LEU C 347 32.99 -24.08 10.42
N ALA C 348 32.14 -23.90 9.41
CA ALA C 348 32.53 -23.13 8.24
C ALA C 348 32.97 -21.72 8.62
N ARG C 349 32.28 -21.10 9.57
CA ARG C 349 32.66 -19.76 10.01
C ARG C 349 33.99 -19.77 10.73
N MET C 350 34.28 -20.83 11.49
CA MET C 350 35.55 -20.89 12.21
C MET C 350 36.72 -21.07 11.26
N TYR C 351 36.53 -21.86 10.20
CA TYR C 351 37.57 -21.98 9.18
C TYR C 351 37.93 -20.63 8.59
N ILE C 352 36.97 -19.70 8.53
CA ILE C 352 37.28 -18.35 8.08
C ILE C 352 38.23 -17.68 9.08
N GLU C 353 37.91 -17.78 10.37
CA GLU C 353 38.79 -17.21 11.39
C GLU C 353 40.20 -17.78 11.28
N ALA C 354 40.30 -19.07 10.92
CA ALA C 354 41.60 -19.73 10.76
C ALA C 354 42.29 -19.36 9.46
N GLY C 355 41.68 -18.53 8.62
CA GLY C 355 42.24 -18.23 7.33
C GLY C 355 42.24 -19.39 6.35
N ASN C 356 41.47 -20.44 6.64
CA ASN C 356 41.40 -21.62 5.78
C ASN C 356 40.15 -21.50 4.91
N HIS C 357 40.29 -20.76 3.80
CA HIS C 357 39.15 -20.48 2.95
C HIS C 357 38.70 -21.71 2.16
N ARG C 358 39.64 -22.60 1.81
CA ARG C 358 39.26 -23.79 1.05
C ARG C 358 38.33 -24.70 1.87
N LYS C 359 38.52 -24.76 3.18
CA LYS C 359 37.64 -25.56 4.02
C LYS C 359 36.35 -24.81 4.36
N ALA C 360 36.41 -23.49 4.50
CA ALA C 360 35.19 -22.71 4.67
C ALA C 360 34.28 -22.88 3.45
N GLU C 361 34.84 -22.72 2.25
CA GLU C 361 34.06 -22.94 1.03
C GLU C 361 33.54 -24.38 0.98
N GLU C 362 34.35 -25.34 1.43
CA GLU C 362 33.95 -26.75 1.36
C GLU C 362 32.72 -27.02 2.22
N ASN C 363 32.70 -26.48 3.44
CA ASN C 363 31.58 -26.70 4.33
C ASN C 363 30.37 -25.85 3.96
N PHE C 364 30.60 -24.64 3.44
CA PHE C 364 29.49 -23.81 2.98
C PHE C 364 28.77 -24.49 1.82
N GLN C 365 29.51 -25.15 0.93
CA GLN C 365 28.87 -25.85 -0.17
C GLN C 365 28.00 -26.99 0.32
N LYS C 366 28.42 -27.66 1.40
CA LYS C 366 27.57 -28.69 2.01
C LYS C 366 26.34 -28.05 2.63
N LEU C 367 26.53 -26.95 3.37
CA LEU C 367 25.39 -26.27 3.99
C LEU C 367 24.37 -25.83 2.95
N LEU C 368 24.85 -25.35 1.80
CA LEU C 368 23.93 -24.87 0.77
C LEU C 368 23.10 -25.98 0.15
N CYS C 369 23.49 -27.24 0.35
CA CYS C 369 22.74 -28.38 -0.14
C CYS C 369 21.73 -28.90 0.87
N MET C 370 21.66 -28.32 2.07
CA MET C 370 20.82 -28.84 3.13
C MET C 370 19.40 -28.26 3.04
N LYS C 371 18.49 -28.91 3.77
CA LYS C 371 17.13 -28.42 3.94
C LYS C 371 16.83 -28.56 5.43
N PRO C 372 17.29 -27.61 6.24
CA PRO C 372 17.17 -27.78 7.70
C PRO C 372 15.72 -27.92 8.14
N VAL C 373 15.54 -28.62 9.27
CA VAL C 373 14.21 -28.72 9.87
C VAL C 373 13.71 -27.34 10.26
N VAL C 374 14.52 -26.59 11.01
CA VAL C 374 14.24 -25.19 11.26
C VAL C 374 14.68 -24.43 10.02
N GLU C 375 13.74 -24.18 9.11
CA GLU C 375 14.09 -23.62 7.81
C GLU C 375 14.65 -22.21 7.93
N GLU C 376 14.30 -21.49 8.99
CA GLU C 376 14.88 -20.16 9.20
C GLU C 376 16.40 -20.22 9.26
N THR C 377 16.95 -21.35 9.69
CA THR C 377 18.40 -21.50 9.74
C THR C 377 19.04 -21.23 8.38
N MET C 378 18.33 -21.52 7.30
CA MET C 378 18.88 -21.30 5.97
C MET C 378 19.14 -19.83 5.70
N GLN C 379 18.42 -18.93 6.37
CA GLN C 379 18.74 -17.51 6.28
C GLN C 379 20.18 -17.26 6.70
N ASP C 380 20.57 -17.78 7.87
CA ASP C 380 21.92 -17.56 8.37
C ASP C 380 22.96 -18.19 7.45
N ILE C 381 22.65 -19.36 6.90
CA ILE C 381 23.57 -20.00 5.96
C ILE C 381 23.86 -19.07 4.79
N HIS C 382 22.80 -18.61 4.12
CA HIS C 382 22.99 -17.73 2.98
C HIS C 382 23.62 -16.41 3.40
N PHE C 383 23.21 -15.88 4.55
CA PHE C 383 23.74 -14.59 4.99
C PHE C 383 25.24 -14.66 5.25
N HIS C 384 25.68 -15.63 6.05
CA HIS C 384 27.10 -15.74 6.37
C HIS C 384 27.92 -16.12 5.15
N TYR C 385 27.33 -16.90 4.23
CA TYR C 385 28.01 -17.15 2.96
C TYR C 385 28.03 -15.89 2.09
N GLY C 386 26.97 -15.09 2.17
CA GLY C 386 27.00 -13.79 1.49
C GLY C 386 28.14 -12.92 1.99
N ARG C 387 28.28 -12.81 3.31
CA ARG C 387 29.40 -12.06 3.86
C ARG C 387 30.73 -12.64 3.42
N PHE C 388 30.85 -13.97 3.45
CA PHE C 388 32.07 -14.62 2.97
C PHE C 388 32.42 -14.16 1.57
N GLN C 389 31.43 -14.09 0.68
CA GLN C 389 31.67 -13.59 -0.66
C GLN C 389 32.04 -12.11 -0.64
N GLU C 390 31.38 -11.32 0.20
CA GLU C 390 31.57 -9.88 0.17
C GLU C 390 32.94 -9.48 0.71
N PHE C 391 33.42 -10.14 1.75
CA PHE C 391 34.61 -9.71 2.46
C PHE C 391 35.84 -10.56 2.15
N GLN C 392 35.70 -11.89 2.18
CA GLN C 392 36.84 -12.75 1.89
C GLN C 392 37.07 -12.87 0.38
N LYS C 393 36.00 -13.03 -0.40
CA LYS C 393 36.12 -13.15 -1.85
C LYS C 393 36.03 -11.81 -2.57
N LYS C 394 35.54 -10.76 -1.89
CA LYS C 394 35.32 -9.46 -2.52
C LYS C 394 34.52 -9.61 -3.82
N SER C 395 33.43 -10.36 -3.74
CA SER C 395 32.57 -10.69 -4.89
C SER C 395 31.17 -10.19 -4.58
N ASP C 396 30.93 -8.89 -4.81
CA ASP C 396 29.61 -8.33 -4.53
C ASP C 396 28.52 -9.01 -5.35
N VAL C 397 28.87 -9.55 -6.52
CA VAL C 397 27.88 -10.23 -7.35
C VAL C 397 27.31 -11.42 -6.62
N ASN C 398 28.17 -12.20 -5.95
CA ASN C 398 27.70 -13.39 -5.25
C ASN C 398 27.17 -13.07 -3.86
N ALA C 399 27.70 -12.02 -3.22
CA ALA C 399 27.11 -11.56 -1.97
C ALA C 399 25.65 -11.19 -2.18
N ILE C 400 25.36 -10.46 -3.26
CA ILE C 400 23.98 -10.10 -3.57
C ILE C 400 23.13 -11.34 -3.79
N ILE C 401 23.66 -12.32 -4.54
CA ILE C 401 22.90 -13.53 -4.82
C ILE C 401 22.43 -14.19 -3.53
N HIS C 402 23.31 -14.29 -2.54
CA HIS C 402 22.98 -15.01 -1.32
C HIS C 402 22.26 -14.15 -0.29
N TYR C 403 22.45 -12.83 -0.30
CA TYR C 403 21.60 -11.98 0.51
C TYR C 403 20.15 -12.07 0.05
N LEU C 404 19.94 -12.18 -1.26
CA LEU C 404 18.58 -12.33 -1.78
C LEU C 404 17.97 -13.67 -1.40
N LYS C 405 18.77 -14.74 -1.45
CA LYS C 405 18.24 -16.05 -1.08
C LYS C 405 17.88 -16.11 0.39
N ALA C 406 18.67 -15.46 1.25
CA ALA C 406 18.30 -15.37 2.66
C ALA C 406 16.99 -14.60 2.82
N ILE C 407 16.84 -13.51 2.08
CA ILE C 407 15.60 -12.72 2.13
C ILE C 407 14.44 -13.51 1.57
N LYS C 408 14.69 -14.39 0.60
CA LYS C 408 13.62 -15.13 -0.05
C LYS C 408 12.87 -16.03 0.93
N ILE C 409 13.45 -16.30 2.10
CA ILE C 409 12.75 -16.96 3.19
C ILE C 409 12.03 -15.85 3.95
N GLU C 410 10.76 -15.64 3.63
CA GLU C 410 10.05 -14.43 4.02
C GLU C 410 9.96 -14.26 5.53
N GLN C 411 10.11 -15.33 6.30
CA GLN C 411 9.96 -15.26 7.75
C GLN C 411 10.86 -14.17 8.33
N ALA C 412 10.25 -13.18 8.96
CA ALA C 412 11.01 -12.08 9.54
C ALA C 412 11.90 -12.58 10.66
N SER C 413 13.13 -12.07 10.70
CA SER C 413 14.12 -12.50 11.69
C SER C 413 15.22 -11.45 11.77
N LEU C 414 16.13 -11.67 12.71
CA LEU C 414 17.27 -10.77 12.86
C LEU C 414 18.20 -10.87 11.65
N THR C 415 18.46 -12.09 11.18
CA THR C 415 19.35 -12.28 10.05
C THR C 415 18.75 -11.74 8.76
N ARG C 416 17.43 -11.79 8.61
CA ARG C 416 16.81 -11.24 7.40
C ARG C 416 16.96 -9.74 7.34
N ASP C 417 16.87 -9.05 8.49
CA ASP C 417 17.11 -7.62 8.52
C ASP C 417 18.55 -7.31 8.12
N LYS C 418 19.51 -8.08 8.64
CA LYS C 418 20.90 -7.88 8.26
C LYS C 418 21.11 -8.10 6.77
N SER C 419 20.40 -9.08 6.19
CA SER C 419 20.53 -9.34 4.76
C SER C 419 20.02 -8.15 3.95
N ILE C 420 18.88 -7.59 4.35
CA ILE C 420 18.33 -6.43 3.62
C ILE C 420 19.29 -5.25 3.71
N ASN C 421 19.90 -5.04 4.88
CA ASN C 421 20.81 -3.91 5.03
C ASN C 421 22.09 -4.12 4.22
N SER C 422 22.68 -5.31 4.32
CA SER C 422 23.87 -5.61 3.53
C SER C 422 23.59 -5.49 2.04
N LEU C 423 22.44 -6.02 1.60
CA LEU C 423 22.02 -5.85 0.21
C LEU C 423 21.90 -4.37 -0.13
N LYS C 424 21.25 -3.60 0.74
CA LYS C 424 21.12 -2.17 0.51
C LYS C 424 22.48 -1.49 0.38
N LYS C 425 23.48 -1.97 1.13
CA LYS C 425 24.80 -1.35 1.08
C LYS C 425 25.46 -1.58 -0.27
N LEU C 426 25.55 -2.84 -0.72
CA LEU C 426 26.21 -3.14 -1.98
C LEU C 426 25.48 -2.49 -3.15
N VAL C 427 24.15 -2.54 -3.14
CA VAL C 427 23.39 -1.90 -4.22
C VAL C 427 23.71 -0.42 -4.29
N LEU C 428 23.79 0.25 -3.14
CA LEU C 428 24.15 1.66 -3.13
C LEU C 428 25.58 1.88 -3.57
N ARG C 429 26.47 0.91 -3.31
CA ARG C 429 27.84 1.03 -3.78
C ARG C 429 27.92 0.91 -5.30
N LYS C 430 27.05 0.11 -5.91
CA LYS C 430 27.04 -0.01 -7.36
C LYS C 430 26.37 1.19 -8.04
N LEU C 431 25.48 1.89 -7.33
CA LEU C 431 24.82 3.05 -7.91
C LEU C 431 25.67 4.31 -7.83
N ARG C 432 26.62 4.37 -6.90
CA ARG C 432 27.53 5.51 -6.85
C ARG C 432 28.58 5.45 -7.95
N ARG C 433 28.76 4.29 -8.59
CA ARG C 433 29.60 4.19 -9.79
C ARG C 433 28.73 4.43 -11.02
N LYS C 434 27.90 3.46 -11.36
CA LYS C 434 26.97 3.57 -12.50
C LYS C 434 25.58 3.85 -11.92
N ALA C 435 25.21 5.13 -11.92
CA ALA C 435 23.94 5.55 -11.32
C ALA C 435 22.73 5.18 -12.15
N LEU C 436 22.92 4.74 -13.39
CA LEU C 436 21.81 4.33 -14.27
C LEU C 436 21.83 2.83 -14.53
N ASP C 437 22.26 2.04 -13.54
CA ASP C 437 22.32 0.59 -13.70
C ASP C 437 20.92 0.02 -13.47
N LEU C 438 20.34 -0.57 -14.52
CA LEU C 438 19.00 -1.14 -14.43
C LEU C 438 18.88 -2.08 -13.23
N GLU C 439 19.82 -3.02 -13.10
CA GLU C 439 19.71 -4.03 -12.05
C GLU C 439 19.81 -3.39 -10.67
N SER C 440 20.71 -2.43 -10.49
CA SER C 440 20.86 -1.80 -9.19
C SER C 440 19.66 -0.93 -8.84
N LEU C 441 19.03 -0.31 -9.83
CA LEU C 441 17.81 0.45 -9.55
C LEU C 441 16.65 -0.46 -9.19
N SER C 442 16.59 -1.65 -9.77
CA SER C 442 15.55 -2.61 -9.43
C SER C 442 15.77 -3.16 -8.02
N LEU C 443 17.00 -3.55 -7.71
CA LEU C 443 17.29 -4.11 -6.39
C LEU C 443 17.05 -3.08 -5.30
N LEU C 444 17.44 -1.82 -5.52
CA LEU C 444 17.20 -0.81 -4.51
C LEU C 444 15.71 -0.59 -4.30
N GLY C 445 14.94 -0.50 -5.39
CA GLY C 445 13.50 -0.43 -5.26
C GLY C 445 12.92 -1.66 -4.57
N PHE C 446 13.55 -2.81 -4.77
CA PHE C 446 13.15 -4.03 -4.07
C PHE C 446 13.44 -3.90 -2.58
N VAL C 447 14.60 -3.34 -2.22
CA VAL C 447 14.93 -3.12 -0.82
C VAL C 447 13.88 -2.24 -0.15
N TYR C 448 13.59 -1.08 -0.77
CA TYR C 448 12.60 -0.17 -0.20
C TYR C 448 11.26 -0.87 0.01
N LYS C 449 10.87 -1.75 -0.92
CA LYS C 449 9.66 -2.52 -0.76
C LYS C 449 9.71 -3.34 0.53
N LEU C 450 10.82 -4.04 0.75
CA LEU C 450 10.97 -4.83 1.97
C LEU C 450 10.94 -3.94 3.21
N GLU C 451 11.54 -2.75 3.12
CA GLU C 451 11.51 -1.82 4.25
C GLU C 451 10.13 -1.27 4.54
N GLY C 452 9.15 -1.52 3.67
CA GLY C 452 7.82 -0.98 3.84
C GLY C 452 7.56 0.34 3.18
N ASN C 453 8.59 0.97 2.60
CA ASN C 453 8.43 2.24 1.89
C ASN C 453 8.04 1.93 0.46
N MET C 454 6.73 1.89 0.21
CA MET C 454 6.22 1.50 -1.10
C MET C 454 6.33 2.63 -2.12
N ASN C 455 6.23 3.89 -1.68
CA ASN C 455 6.32 5.01 -2.61
C ASN C 455 7.69 5.06 -3.27
N GLU C 456 8.75 4.96 -2.47
CA GLU C 456 10.11 4.94 -3.02
C GLU C 456 10.34 3.68 -3.84
N ALA C 457 9.71 2.57 -3.48
CA ALA C 457 9.82 1.36 -4.28
C ALA C 457 9.25 1.58 -5.68
N LEU C 458 8.00 2.05 -5.76
CA LEU C 458 7.40 2.36 -7.05
C LEU C 458 8.24 3.39 -7.81
N GLU C 459 8.79 4.37 -7.10
CA GLU C 459 9.57 5.41 -7.76
C GLU C 459 10.79 4.83 -8.45
N TYR C 460 11.48 3.89 -7.80
CA TYR C 460 12.66 3.28 -8.40
C TYR C 460 12.31 2.24 -9.44
N TYR C 461 11.27 1.44 -9.19
CA TYR C 461 10.79 0.50 -10.20
C TYR C 461 10.43 1.22 -11.49
N GLU C 462 9.68 2.33 -11.37
CA GLU C 462 9.33 3.11 -12.54
C GLU C 462 10.57 3.68 -13.20
N ARG C 463 11.47 4.25 -12.41
CA ARG C 463 12.71 4.80 -12.96
C ARG C 463 13.48 3.72 -13.72
N ALA C 464 13.45 2.48 -13.22
CA ALA C 464 14.16 1.40 -13.89
C ALA C 464 13.44 0.99 -15.17
N LEU C 465 12.10 0.89 -15.12
CA LEU C 465 11.35 0.48 -16.30
C LEU C 465 11.49 1.48 -17.45
N ARG C 466 11.86 2.73 -17.16
CA ARG C 466 12.12 3.68 -18.23
C ARG C 466 13.42 3.34 -18.95
N LEU C 467 14.47 2.98 -18.19
CA LEU C 467 15.71 2.53 -18.81
C LEU C 467 15.50 1.25 -19.60
N ALA C 468 14.60 0.37 -19.14
CA ALA C 468 14.31 -0.85 -19.87
C ALA C 468 13.67 -0.58 -21.23
N ALA C 469 13.07 0.59 -21.41
CA ALA C 469 12.43 0.95 -22.68
C ALA C 469 13.51 1.35 -23.67
N ASP C 470 14.07 0.33 -24.33
CA ASP C 470 15.10 0.54 -25.35
C ASP C 470 14.95 -0.51 -26.45
#